data_2ZBC
#
_entry.id   2ZBC
#
_cell.length_a   61.367
_cell.length_b   61.785
_cell.length_c   90.487
_cell.angle_alpha   90.000
_cell.angle_beta   94.470
_cell.angle_gamma   90.000
#
_symmetry.space_group_name_H-M   'P 1 2 1'
#
loop_
_entity.id
_entity.type
_entity.pdbx_description
1 polymer '83aa long hypothetical transcriptional regulator asnC'
2 non-polymer ISOLEUCINE
3 water water
#
_entity_poly.entity_id   1
_entity_poly.type   'polypeptide(L)'
_entity_poly.pdbx_seq_one_letter_code
;(MSE)ASAIVLINTDAGGEDEVFERLKS(MSE)SEVTEVHVVYGVYDIVVKVEADS(MSE)DKLKDFVTNTIRKLPKVRS
TLT(MSE)IIVEGKSLVKK
;
_entity_poly.pdbx_strand_id   A,B,C,D,E,F,G,H
#
# COMPACT_ATOMS: atom_id res chain seq x y z
N ALA A 2 -12.10 17.67 23.09
CA ALA A 2 -11.11 16.55 23.38
C ALA A 2 -9.84 17.19 23.97
N SER A 3 -9.25 16.57 25.01
CA SER A 3 -8.13 17.10 25.76
C SER A 3 -7.03 16.03 25.86
N ALA A 4 -5.80 16.49 25.79
CA ALA A 4 -4.71 15.60 25.94
C ALA A 4 -3.45 16.39 26.32
N ILE A 5 -2.52 15.69 26.89
CA ILE A 5 -1.20 16.22 27.14
C ILE A 5 -0.25 15.44 26.28
N VAL A 6 0.57 16.13 25.46
CA VAL A 6 1.46 15.50 24.53
C VAL A 6 2.91 15.77 24.95
N LEU A 7 3.66 14.70 25.12
CA LEU A 7 5.09 14.81 25.48
C LEU A 7 5.90 14.71 24.16
N ILE A 8 6.71 15.71 23.88
CA ILE A 8 7.37 15.78 22.58
C ILE A 8 8.87 15.59 22.80
N ASN A 9 9.53 14.82 21.96
CA ASN A 9 10.99 14.80 21.88
C ASN A 9 11.32 15.40 20.57
N THR A 10 12.34 16.26 20.58
CA THR A 10 12.80 16.90 19.34
C THR A 10 14.15 16.32 18.90
N ASP A 11 14.57 16.61 17.66
CA ASP A 11 15.96 16.41 17.26
C ASP A 11 16.83 17.16 18.27
N ALA A 12 18.03 16.65 18.50
CA ALA A 12 18.86 17.28 19.54
C ALA A 12 19.08 18.76 19.08
N GLY A 13 18.79 19.68 19.98
CA GLY A 13 18.98 21.08 19.78
C GLY A 13 17.81 21.80 19.13
N GLY A 14 16.74 21.13 18.72
CA GLY A 14 15.65 21.83 18.04
C GLY A 14 14.48 22.27 18.92
N GLU A 15 14.59 22.02 20.23
CA GLU A 15 13.51 22.31 21.18
C GLU A 15 12.97 23.76 21.19
N ASP A 16 13.83 24.78 21.10
CA ASP A 16 13.36 26.17 21.12
C ASP A 16 12.55 26.53 19.88
N GLU A 17 12.97 25.97 18.75
CA GLU A 17 12.37 26.28 17.45
C GLU A 17 11.00 25.62 17.44
N VAL A 18 10.94 24.39 17.97
CA VAL A 18 9.66 23.73 18.06
C VAL A 18 8.71 24.45 19.01
N PHE A 19 9.19 24.85 20.16
CA PHE A 19 8.38 25.59 21.15
C PHE A 19 7.79 26.86 20.50
N GLU A 20 8.62 27.59 19.76
CA GLU A 20 8.17 28.77 19.01
C GLU A 20 7.01 28.46 18.03
N ARG A 21 7.08 27.35 17.31
CA ARG A 21 6.01 26.96 16.38
C ARG A 21 4.75 26.69 17.16
N LEU A 22 4.92 25.92 18.26
CA LEU A 22 3.77 25.51 19.03
C LEU A 22 2.98 26.67 19.60
N LYS A 23 3.67 27.73 20.02
CA LYS A 23 3.01 28.92 20.63
C LYS A 23 1.87 29.49 19.80
N SER A 24 1.96 29.36 18.48
CA SER A 24 1.06 30.08 17.54
C SER A 24 -0.19 29.30 17.24
N MSE A 25 -0.25 28.07 17.73
CA MSE A 25 -1.37 27.21 17.32
C MSE A 25 -2.46 27.28 18.44
O MSE A 25 -2.14 27.17 19.62
CB MSE A 25 -0.85 25.83 16.99
CG MSE A 25 -0.06 25.60 15.46
SE MSE A 25 0.99 24.11 16.08
CE MSE A 25 0.77 24.01 17.82
N SER A 26 -3.72 27.53 18.03
CA SER A 26 -4.88 27.69 18.94
C SER A 26 -5.19 26.44 19.78
N GLU A 27 -4.92 25.27 19.22
CA GLU A 27 -5.16 24.01 19.93
C GLU A 27 -4.20 23.79 21.10
N VAL A 28 -3.06 24.51 21.09
CA VAL A 28 -2.07 24.40 22.13
C VAL A 28 -2.41 25.44 23.18
N THR A 29 -2.97 25.02 24.32
CA THR A 29 -3.33 25.91 25.38
C THR A 29 -2.22 26.14 26.38
N GLU A 30 -1.24 25.22 26.42
CA GLU A 30 0.02 25.50 27.11
C GLU A 30 1.16 24.76 26.43
N VAL A 31 2.35 25.27 26.68
CA VAL A 31 3.56 24.64 26.09
C VAL A 31 4.74 25.02 26.97
N HIS A 32 5.58 24.03 27.26
CA HIS A 32 6.67 24.24 28.17
C HIS A 32 7.87 23.43 27.68
N VAL A 33 9.09 23.98 27.64
CA VAL A 33 10.27 23.08 27.48
C VAL A 33 10.63 22.64 28.90
N VAL A 34 11.15 21.42 28.99
CA VAL A 34 11.41 20.71 30.21
C VAL A 34 12.69 19.92 30.19
N TYR A 35 13.31 19.84 31.38
CA TYR A 35 14.45 18.91 31.66
C TYR A 35 13.93 17.51 31.92
N GLY A 36 14.57 16.60 31.26
CA GLY A 36 14.49 15.17 31.52
C GLY A 36 14.22 14.44 30.23
N VAL A 37 13.60 13.27 30.39
CA VAL A 37 13.50 12.36 29.25
C VAL A 37 12.66 12.84 28.04
N TYR A 38 11.79 13.80 28.26
CA TYR A 38 11.05 14.51 27.22
C TYR A 38 11.50 15.98 27.21
N ASP A 39 11.23 16.63 26.08
CA ASP A 39 11.75 17.92 25.79
C ASP A 39 10.71 19.01 25.84
N ILE A 40 9.50 18.70 25.40
CA ILE A 40 8.40 19.68 25.49
C ILE A 40 7.10 19.01 25.91
N VAL A 41 6.30 19.74 26.69
CA VAL A 41 5.00 19.24 27.21
C VAL A 41 4.01 20.22 26.65
N VAL A 42 3.01 19.76 25.93
CA VAL A 42 1.94 20.64 25.49
C VAL A 42 0.61 20.14 26.02
N LYS A 43 -0.27 21.06 26.37
CA LYS A 43 -1.70 20.70 26.54
C LYS A 43 -2.42 21.04 25.27
N VAL A 44 -3.18 20.10 24.74
CA VAL A 44 -3.90 20.30 23.51
C VAL A 44 -5.36 20.22 23.83
N GLU A 45 -6.11 21.21 23.40
CA GLU A 45 -7.58 21.15 23.48
C GLU A 45 -8.12 21.27 22.07
N ALA A 46 -8.85 20.27 21.59
CA ALA A 46 -9.41 20.37 20.30
C ALA A 46 -10.95 20.12 20.44
N ASP A 47 -11.63 20.43 19.37
CA ASP A 47 -13.08 20.47 19.36
C ASP A 47 -13.63 19.05 19.36
N SER A 48 -12.87 18.11 18.82
CA SER A 48 -13.29 16.72 18.76
C SER A 48 -12.08 15.78 18.79
N MSE A 49 -12.36 14.48 18.89
CA MSE A 49 -11.30 13.45 18.89
C MSE A 49 -10.66 13.35 17.47
O MSE A 49 -9.38 13.32 17.33
CB MSE A 49 -11.82 12.09 19.42
CG MSE A 49 -11.88 11.96 21.00
SE MSE A 49 -10.27 12.15 21.93
CE MSE A 49 -9.42 10.44 21.43
N ASP A 50 -11.45 13.43 16.41
CA ASP A 50 -10.89 13.56 15.05
C ASP A 50 -9.93 14.77 14.91
N LYS A 51 -10.38 15.92 15.40
CA LYS A 51 -9.52 17.12 15.29
C LYS A 51 -8.25 17.01 16.16
N LEU A 52 -8.32 16.32 17.31
CA LEU A 52 -7.15 15.99 18.09
C LEU A 52 -6.22 15.10 17.25
N LYS A 53 -6.76 14.03 16.67
CA LYS A 53 -5.94 13.08 15.88
C LYS A 53 -5.23 13.78 14.73
N ASP A 54 -5.99 14.62 13.97
CA ASP A 54 -5.47 15.36 12.80
C ASP A 54 -4.38 16.32 13.21
N PHE A 55 -4.57 17.01 14.34
CA PHE A 55 -3.61 17.92 14.85
C PHE A 55 -2.31 17.23 15.27
N VAL A 56 -2.43 16.14 16.04
CA VAL A 56 -1.30 15.39 16.46
C VAL A 56 -0.55 14.81 15.26
N THR A 57 -1.24 14.14 14.35
CA THR A 57 -0.59 13.47 13.25
C THR A 57 -0.12 14.45 12.17
N ASN A 58 -0.99 15.41 11.83
CA ASN A 58 -0.72 16.24 10.67
C ASN A 58 -0.08 17.60 10.89
N THR A 59 -0.01 18.06 12.12
CA THR A 59 0.66 19.28 12.49
C THR A 59 1.78 18.91 13.38
N ILE A 60 1.53 18.47 14.62
CA ILE A 60 2.64 18.37 15.59
C ILE A 60 3.71 17.40 15.06
N ARG A 61 3.26 16.19 14.68
CA ARG A 61 4.19 15.17 14.16
C ARG A 61 4.81 15.42 12.77
N LYS A 62 4.39 16.50 12.11
CA LYS A 62 5.02 16.93 10.89
C LYS A 62 5.87 18.19 11.05
N LEU A 63 5.94 18.77 12.24
CA LEU A 63 6.73 19.98 12.40
C LEU A 63 8.21 19.65 12.27
N PRO A 64 8.97 20.51 11.61
CA PRO A 64 10.45 20.37 11.61
C PRO A 64 11.00 20.20 12.99
N LYS A 65 11.76 19.14 13.10
CA LYS A 65 12.59 18.81 14.24
C LYS A 65 11.79 18.12 15.30
N VAL A 66 10.51 17.80 15.06
CA VAL A 66 9.86 16.89 15.99
C VAL A 66 10.31 15.44 15.66
N ARG A 67 10.76 14.75 16.67
CA ARG A 67 11.17 13.38 16.50
C ARG A 67 10.11 12.35 16.92
N SER A 68 9.60 12.53 18.11
CA SER A 68 8.56 11.66 18.64
C SER A 68 7.57 12.43 19.48
N THR A 69 6.39 11.83 19.62
CA THR A 69 5.35 12.34 20.53
C THR A 69 4.71 11.17 21.27
N LEU A 70 4.30 11.44 22.51
CA LEU A 70 3.56 10.51 23.32
C LEU A 70 2.32 11.28 23.83
N THR A 71 1.16 10.91 23.35
CA THR A 71 -0.12 11.63 23.66
C THR A 71 -0.82 10.88 24.75
N MSE A 72 -1.13 11.59 25.82
CA MSE A 72 -1.78 11.04 26.95
C MSE A 72 -3.21 11.63 26.90
O MSE A 72 -3.40 12.81 27.14
CB MSE A 72 -1.05 11.53 28.21
CG MSE A 72 0.43 10.91 28.26
SE MSE A 72 1.21 11.39 29.99
CE MSE A 72 1.55 13.21 29.59
N ILE A 73 -4.15 10.81 26.52
CA ILE A 73 -5.57 11.21 26.52
C ILE A 73 -5.98 11.41 27.96
N ILE A 74 -6.61 12.55 28.25
CA ILE A 74 -7.10 12.90 29.55
C ILE A 74 -8.47 12.26 29.78
N VAL A 75 -8.66 11.75 30.99
CA VAL A 75 -9.92 11.08 31.37
C VAL A 75 -10.99 12.15 31.72
N GLU A 76 -12.02 12.20 30.91
CA GLU A 76 -13.21 13.03 31.19
C GLU A 76 -13.73 12.79 32.58
N GLY A 77 -13.83 13.85 33.35
CA GLY A 77 -14.30 13.74 34.72
C GLY A 77 -13.15 13.61 35.73
N LYS A 78 -11.92 13.52 35.23
CA LYS A 78 -10.74 13.46 36.10
C LYS A 78 -9.70 14.47 35.59
N SER A 79 -10.10 15.73 35.49
CA SER A 79 -9.30 16.75 34.89
C SER A 79 -9.64 18.11 35.49
N LEU A 80 -8.64 18.78 36.06
CA LEU A 80 -8.87 20.05 36.74
C LEU A 80 -7.79 21.02 36.38
N VAL A 81 -8.16 22.22 35.92
CA VAL A 81 -7.23 23.31 35.70
C VAL A 81 -7.77 24.44 36.58
N LYS A 82 -7.07 24.76 37.67
CA LYS A 82 -7.50 25.81 38.65
C LYS A 82 -7.37 27.19 38.10
N ALA B 2 37.40 -10.90 29.30
CA ALA B 2 36.39 -9.85 29.60
C ALA B 2 35.12 -10.23 28.82
N SER B 3 33.94 -10.27 29.48
CA SER B 3 32.72 -10.84 28.85
C SER B 3 31.56 -9.92 29.02
N ALA B 4 30.73 -9.83 27.99
CA ALA B 4 29.54 -9.00 28.01
C ALA B 4 28.46 -9.61 27.15
N ILE B 5 27.21 -9.28 27.46
CA ILE B 5 26.09 -9.60 26.58
C ILE B 5 25.65 -8.26 26.03
N VAL B 6 25.62 -8.13 24.70
CA VAL B 6 25.24 -6.88 24.04
C VAL B 6 23.90 -7.07 23.35
N LEU B 7 22.95 -6.23 23.77
CA LEU B 7 21.67 -6.07 23.11
C LEU B 7 21.68 -4.98 21.99
N ILE B 8 21.36 -5.36 20.78
CA ILE B 8 21.46 -4.50 19.60
C ILE B 8 20.10 -4.27 19.01
N ASN B 9 19.86 -3.02 18.66
CA ASN B 9 18.81 -2.68 17.78
C ASN B 9 19.37 -2.25 16.46
N THR B 10 18.79 -2.76 15.39
CA THR B 10 19.13 -2.33 14.06
C THR B 10 18.13 -1.34 13.48
N ASP B 11 18.56 -0.69 12.43
CA ASP B 11 17.57 -0.03 11.59
C ASP B 11 16.52 -1.07 11.16
N ALA B 12 15.28 -0.63 11.10
CA ALA B 12 14.19 -1.57 10.73
C ALA B 12 14.48 -2.33 9.44
N GLY B 13 14.48 -3.66 9.54
CA GLY B 13 14.73 -4.50 8.39
C GLY B 13 16.19 -4.90 8.14
N GLY B 14 17.14 -4.39 8.93
CA GLY B 14 18.55 -4.72 8.72
C GLY B 14 19.10 -5.85 9.58
N GLU B 15 18.25 -6.42 10.46
CA GLU B 15 18.69 -7.43 11.41
C GLU B 15 19.37 -8.65 10.80
N ASP B 16 18.89 -9.13 9.65
CA ASP B 16 19.56 -10.37 9.11
C ASP B 16 20.95 -10.03 8.59
N GLU B 17 21.11 -8.84 7.99
CA GLU B 17 22.39 -8.43 7.44
C GLU B 17 23.37 -8.21 8.56
N VAL B 18 22.93 -7.55 9.65
CA VAL B 18 23.79 -7.36 10.81
C VAL B 18 24.24 -8.71 11.47
N PHE B 19 23.28 -9.63 11.56
CA PHE B 19 23.53 -10.97 12.10
C PHE B 19 24.66 -11.64 11.33
N GLU B 20 24.61 -11.59 9.99
CA GLU B 20 25.61 -12.26 9.13
C GLU B 20 26.97 -11.62 9.32
N ARG B 21 27.02 -10.31 9.41
CA ARG B 21 28.30 -9.65 9.75
C ARG B 21 28.86 -10.05 11.11
N LEU B 22 27.99 -10.15 12.12
CA LEU B 22 28.39 -10.47 13.47
C LEU B 22 28.90 -11.89 13.63
N LYS B 23 28.38 -12.81 12.86
CA LYS B 23 28.65 -14.21 13.07
C LYS B 23 30.09 -14.55 12.66
N SER B 24 30.67 -13.77 11.80
CA SER B 24 32.04 -14.11 11.40
C SER B 24 33.14 -13.51 12.25
N MSE B 25 32.76 -12.76 13.31
CA MSE B 25 33.73 -12.13 14.17
C MSE B 25 34.10 -13.01 15.32
O MSE B 25 33.24 -13.48 16.06
CB MSE B 25 33.18 -10.83 14.69
CG MSE B 25 32.72 -10.03 13.53
SE MSE B 25 31.92 -8.36 14.05
CE MSE B 25 32.06 -7.55 12.18
N SER B 26 35.39 -13.16 15.55
CA SER B 26 35.87 -14.07 16.54
C SER B 26 35.49 -13.67 17.98
N GLU B 27 35.35 -12.39 18.27
CA GLU B 27 34.98 -11.93 19.61
C GLU B 27 33.48 -12.26 19.95
N VAL B 28 32.73 -12.50 18.92
CA VAL B 28 31.32 -12.90 19.02
C VAL B 28 31.26 -14.38 19.19
N THR B 29 30.95 -14.88 20.39
CA THR B 29 30.88 -16.33 20.62
C THR B 29 29.49 -16.91 20.45
N GLU B 30 28.50 -16.02 20.47
CA GLU B 30 27.16 -16.43 20.11
C GLU B 30 26.38 -15.17 19.67
N VAL B 31 25.44 -15.40 18.76
CA VAL B 31 24.67 -14.32 18.14
C VAL B 31 23.24 -14.89 17.76
N HIS B 32 22.19 -14.11 18.07
CA HIS B 32 20.84 -14.57 17.86
C HIS B 32 20.00 -13.40 17.50
N VAL B 33 19.15 -13.58 16.51
CA VAL B 33 18.12 -12.57 16.26
C VAL B 33 16.96 -13.01 17.20
N VAL B 34 16.20 -12.05 17.69
CA VAL B 34 15.26 -12.23 18.70
C VAL B 34 14.01 -11.39 18.43
N TYR B 35 12.88 -11.89 18.92
CA TYR B 35 11.65 -11.10 18.97
C TYR B 35 11.62 -10.25 20.25
N GLY B 36 11.18 -9.02 20.15
CA GLY B 36 10.95 -8.17 21.31
C GLY B 36 11.56 -6.83 21.06
N VAL B 37 11.77 -6.16 22.18
CA VAL B 37 12.26 -4.83 22.19
C VAL B 37 13.69 -4.69 21.68
N TYR B 38 14.44 -5.78 21.73
CA TYR B 38 15.78 -5.83 21.09
C TYR B 38 15.74 -6.70 19.88
N ASP B 39 16.73 -6.56 18.97
CA ASP B 39 16.73 -7.27 17.68
C ASP B 39 17.78 -8.37 17.60
N ILE B 40 18.93 -8.11 18.19
CA ILE B 40 19.97 -9.12 18.27
C ILE B 40 20.64 -9.18 19.62
N VAL B 41 20.98 -10.41 20.04
CA VAL B 41 21.69 -10.63 21.25
C VAL B 41 23.07 -11.28 20.89
N VAL B 42 24.16 -10.69 21.35
CA VAL B 42 25.50 -11.22 21.12
C VAL B 42 26.21 -11.40 22.46
N LYS B 43 26.94 -12.47 22.62
CA LYS B 43 27.88 -12.58 23.70
C LYS B 43 29.25 -12.30 23.12
N VAL B 44 29.99 -11.43 23.80
CA VAL B 44 31.29 -11.00 23.33
C VAL B 44 32.24 -11.46 24.40
N GLU B 45 33.33 -12.07 23.93
CA GLU B 45 34.44 -12.50 24.78
C GLU B 45 35.68 -11.85 24.16
N ALA B 46 36.31 -10.93 24.89
CA ALA B 46 37.50 -10.28 24.50
C ALA B 46 38.58 -10.53 25.53
N ASP B 47 39.82 -10.38 25.10
CA ASP B 47 40.88 -10.70 25.97
C ASP B 47 40.96 -9.78 27.18
N SER B 48 40.42 -8.56 27.07
CA SER B 48 40.54 -7.55 28.12
C SER B 48 39.39 -6.58 28.01
N MSE B 49 39.31 -5.68 28.98
CA MSE B 49 38.19 -4.68 28.99
C MSE B 49 38.48 -3.65 27.93
O MSE B 49 37.57 -3.26 27.24
CB MSE B 49 37.94 -4.05 30.37
CG MSE B 49 37.14 -4.97 31.32
SE MSE B 49 35.36 -5.25 30.94
CE MSE B 49 34.77 -3.41 31.12
N ASP B 50 39.75 -3.25 27.72
CA ASP B 50 40.03 -2.38 26.60
C ASP B 50 39.63 -3.01 25.23
N LYS B 51 39.92 -4.30 25.05
CA LYS B 51 39.61 -4.90 23.78
C LYS B 51 38.05 -4.99 23.60
N LEU B 52 37.36 -5.20 24.69
CA LEU B 52 35.88 -5.17 24.68
C LEU B 52 35.41 -3.83 24.22
N LYS B 53 35.93 -2.73 24.83
CA LYS B 53 35.46 -1.39 24.50
C LYS B 53 35.69 -1.14 23.04
N ASP B 54 36.88 -1.49 22.57
CA ASP B 54 37.24 -1.19 21.19
C ASP B 54 36.38 -1.99 20.24
N PHE B 55 36.00 -3.19 20.61
CA PHE B 55 35.20 -4.06 19.69
C PHE B 55 33.75 -3.48 19.71
N VAL B 56 33.25 -3.16 20.87
CA VAL B 56 31.91 -2.52 20.93
C VAL B 56 31.83 -1.21 20.14
N THR B 57 32.72 -0.26 20.40
CA THR B 57 32.60 1.06 19.83
C THR B 57 32.96 1.07 18.37
N ASN B 58 34.11 0.47 18.06
CA ASN B 58 34.68 0.58 16.73
C ASN B 58 34.36 -0.56 15.78
N THR B 59 33.85 -1.68 16.24
CA THR B 59 33.30 -2.70 15.32
C THR B 59 31.75 -2.70 15.38
N ILE B 60 31.17 -3.11 16.48
CA ILE B 60 29.75 -3.33 16.49
C ILE B 60 29.06 -2.03 16.13
N ARG B 61 29.37 -0.98 16.89
CA ARG B 61 28.65 0.29 16.75
C ARG B 61 29.00 1.07 15.52
N LYS B 62 29.89 0.53 14.68
CA LYS B 62 30.13 1.15 13.37
C LYS B 62 29.62 0.29 12.22
N LEU B 63 29.02 -0.85 12.51
CA LEU B 63 28.40 -1.65 11.45
C LEU B 63 27.23 -0.91 10.86
N PRO B 64 27.09 -0.96 9.52
CA PRO B 64 25.91 -0.42 8.88
C PRO B 64 24.67 -1.09 9.43
N LYS B 65 23.68 -0.26 9.64
CA LYS B 65 22.34 -0.61 10.14
C LYS B 65 22.29 -0.92 11.64
N VAL B 66 23.41 -0.79 12.36
CA VAL B 66 23.37 -0.83 13.81
C VAL B 66 22.92 0.51 14.36
N ARG B 67 21.77 0.54 15.03
CA ARG B 67 21.25 1.81 15.54
C ARG B 67 21.65 2.09 17.00
N SER B 68 21.59 1.09 17.84
CA SER B 68 21.97 1.28 19.22
C SER B 68 22.41 -0.05 19.81
N THR B 69 23.20 0.04 20.88
CA THR B 69 23.59 -1.14 21.63
C THR B 69 23.52 -0.86 23.10
N LEU B 70 23.36 -1.95 23.83
CA LEU B 70 23.29 -1.96 25.26
C LEU B 70 24.16 -3.12 25.73
N THR B 71 25.32 -2.75 26.27
CA THR B 71 26.30 -3.70 26.66
C THR B 71 26.07 -3.97 28.14
N MSE B 72 25.95 -5.23 28.45
CA MSE B 72 25.82 -5.66 29.83
C MSE B 72 27.09 -6.36 30.23
O MSE B 72 27.31 -7.48 29.88
CB MSE B 72 24.57 -6.56 29.97
CG MSE B 72 23.31 -5.80 29.55
SE MSE B 72 21.73 -7.07 29.78
CE MSE B 72 21.90 -8.24 28.34
N ILE B 73 27.89 -5.71 31.05
CA ILE B 73 29.13 -6.30 31.63
C ILE B 73 28.75 -7.41 32.57
N ILE B 74 29.24 -8.62 32.28
CA ILE B 74 28.95 -9.77 33.12
C ILE B 74 29.80 -9.76 34.41
N VAL B 75 29.19 -10.11 35.52
CA VAL B 75 29.91 -10.10 36.80
C VAL B 75 30.83 -11.32 36.95
N GLU B 76 32.13 -11.09 37.09
CA GLU B 76 33.05 -12.20 37.29
C GLU B 76 32.67 -12.94 38.53
N GLY B 77 32.61 -14.25 38.47
CA GLY B 77 32.17 -15.06 39.60
C GLY B 77 30.66 -15.32 39.67
N LYS B 78 29.90 -14.72 38.75
CA LYS B 78 28.46 -14.94 38.71
C LYS B 78 28.11 -15.21 37.25
N SER B 79 28.84 -16.14 36.63
CA SER B 79 28.72 -16.34 35.22
C SER B 79 28.93 -17.82 34.94
N LEU B 80 28.00 -18.47 34.26
CA LEU B 80 28.23 -19.88 33.90
C LEU B 80 27.69 -20.17 32.53
N VAL B 81 28.53 -20.76 31.68
CA VAL B 81 28.10 -21.37 30.43
C VAL B 81 28.34 -22.89 30.53
N LYS B 82 27.29 -23.69 30.46
CA LYS B 82 27.41 -25.15 30.70
C LYS B 82 28.02 -25.85 29.48
N ALA C 2 24.21 26.61 39.27
CA ALA C 2 23.24 25.57 38.80
C ALA C 2 24.02 24.31 38.43
N SER C 3 23.53 23.15 38.90
CA SER C 3 24.21 21.84 38.71
C SER C 3 23.22 20.80 38.21
N ALA C 4 23.71 19.94 37.32
CA ALA C 4 22.93 18.88 36.70
C ALA C 4 23.88 17.76 36.26
N ILE C 5 23.34 16.55 36.18
CA ILE C 5 24.00 15.41 35.56
C ILE C 5 23.25 15.12 34.28
N VAL C 6 23.95 15.04 33.16
CA VAL C 6 23.30 14.79 31.86
C VAL C 6 23.67 13.46 31.33
N LEU C 7 22.64 12.66 31.05
CA LEU C 7 22.77 11.34 30.43
C LEU C 7 22.66 11.47 28.88
N ILE C 8 23.72 11.15 28.18
CA ILE C 8 23.79 11.37 26.73
C ILE C 8 23.79 10.03 25.98
N ASN C 9 23.00 10.00 24.91
CA ASN C 9 23.12 8.97 23.91
C ASN C 9 23.68 9.55 22.67
N THR C 10 24.66 8.87 22.03
CA THR C 10 25.16 9.29 20.75
C THR C 10 24.71 8.40 19.61
N ASP C 11 24.88 8.90 18.42
CA ASP C 11 24.87 8.00 17.27
C ASP C 11 25.84 6.85 17.52
N ALA C 12 25.44 5.65 17.04
CA ALA C 12 26.22 4.49 17.35
C ALA C 12 27.64 4.78 16.83
N GLY C 13 28.63 4.58 17.69
CA GLY C 13 30.05 4.78 17.35
C GLY C 13 30.65 6.15 17.56
N GLY C 14 29.82 7.14 17.89
CA GLY C 14 30.30 8.50 17.99
C GLY C 14 30.76 8.90 19.41
N GLU C 15 30.65 7.99 20.39
CA GLU C 15 30.77 8.25 21.81
C GLU C 15 32.15 8.83 22.13
N ASP C 16 33.20 8.28 21.49
CA ASP C 16 34.57 8.76 21.77
C ASP C 16 34.76 10.20 21.28
N GLU C 17 34.27 10.49 20.07
CA GLU C 17 34.26 11.83 19.50
C GLU C 17 33.56 12.85 20.33
N VAL C 18 32.33 12.51 20.74
CA VAL C 18 31.60 13.36 21.66
C VAL C 18 32.30 13.56 23.01
N PHE C 19 32.91 12.52 23.56
CA PHE C 19 33.62 12.55 24.83
C PHE C 19 34.70 13.65 24.76
N GLU C 20 35.47 13.60 23.68
CA GLU C 20 36.61 14.47 23.50
C GLU C 20 36.15 15.92 23.31
N ARG C 21 35.02 16.12 22.66
CA ARG C 21 34.44 17.45 22.54
C ARG C 21 34.04 18.02 23.88
N LEU C 22 33.39 17.20 24.72
CA LEU C 22 32.86 17.66 25.98
C LEU C 22 33.98 17.97 26.97
N LYS C 23 35.04 17.18 26.94
CA LYS C 23 36.04 17.29 27.98
C LYS C 23 36.64 18.71 28.08
N SER C 24 36.66 19.44 26.98
CA SER C 24 37.39 20.71 26.94
C SER C 24 36.47 21.85 27.27
N MSE C 25 35.18 21.58 27.45
CA MSE C 25 34.26 22.63 27.86
C MSE C 25 34.29 22.93 29.32
O MSE C 25 34.20 22.06 30.20
CB MSE C 25 32.84 22.25 27.42
CG MSE C 25 32.72 22.27 25.91
SE MSE C 25 31.14 21.30 25.50
CE MSE C 25 31.49 21.52 23.40
N SER C 26 34.36 24.19 29.62
CA SER C 26 34.57 24.63 30.97
C SER C 26 33.34 24.31 31.90
N GLU C 27 32.13 24.23 31.32
CA GLU C 27 30.90 23.85 32.11
C GLU C 27 30.88 22.37 32.45
N VAL C 28 31.64 21.57 31.74
CA VAL C 28 31.71 20.13 31.99
C VAL C 28 32.78 19.83 33.06
N THR C 29 32.37 19.46 34.26
CA THR C 29 33.31 19.21 35.38
C THR C 29 33.71 17.78 35.50
N GLU C 30 32.89 16.90 34.95
CA GLU C 30 33.28 15.55 34.76
C GLU C 30 32.54 14.93 33.60
N VAL C 31 33.21 13.99 32.96
CA VAL C 31 32.66 13.30 31.80
C VAL C 31 33.20 11.90 31.73
N HIS C 32 32.31 10.94 31.47
CA HIS C 32 32.61 9.51 31.41
C HIS C 32 31.88 8.82 30.29
N VAL C 33 32.57 8.00 29.51
CA VAL C 33 31.85 7.06 28.64
C VAL C 33 31.46 5.87 29.45
N VAL C 34 30.24 5.36 29.29
CA VAL C 34 29.71 4.27 30.09
C VAL C 34 29.10 3.14 29.28
N TYR C 35 29.15 1.93 29.85
CA TYR C 35 28.43 0.78 29.30
C TYR C 35 26.92 0.81 29.77
N GLY C 36 26.03 0.50 28.86
CA GLY C 36 24.62 0.39 29.17
C GLY C 36 23.74 1.18 28.26
N VAL C 37 22.55 1.48 28.78
CA VAL C 37 21.54 2.16 28.03
C VAL C 37 21.83 3.64 27.76
N TYR C 38 22.79 4.26 28.47
CA TYR C 38 23.29 5.57 28.12
C TYR C 38 24.79 5.37 27.72
N ASP C 39 25.28 6.36 27.01
CA ASP C 39 26.63 6.29 26.48
C ASP C 39 27.62 7.18 27.15
N ILE C 40 27.16 8.38 27.58
CA ILE C 40 28.03 9.35 28.25
C ILE C 40 27.30 9.98 29.41
N VAL C 41 28.03 10.18 30.51
CA VAL C 41 27.52 10.87 31.67
C VAL C 41 28.38 12.08 31.84
N VAL C 42 27.74 13.23 31.99
CA VAL C 42 28.47 14.45 32.20
C VAL C 42 27.92 15.16 33.41
N LYS C 43 28.78 15.79 34.19
CA LYS C 43 28.29 16.69 35.23
C LYS C 43 28.57 18.08 34.75
N VAL C 44 27.55 18.93 34.82
CA VAL C 44 27.60 20.31 34.29
C VAL C 44 27.40 21.26 35.41
N GLU C 45 28.24 22.28 35.49
CA GLU C 45 28.11 23.34 36.46
C GLU C 45 28.09 24.65 35.67
N ALA C 46 26.99 25.37 35.78
CA ALA C 46 26.81 26.67 35.12
C ALA C 46 26.54 27.75 36.18
N ASP C 47 26.68 29.00 35.82
CA ASP C 47 26.53 30.06 36.78
C ASP C 47 25.08 30.33 37.13
N SER C 48 24.17 29.87 36.26
CA SER C 48 22.77 30.12 36.42
C SER C 48 21.96 29.03 35.66
N MSE C 49 20.68 28.93 35.99
CA MSE C 49 19.80 28.05 35.31
C MSE C 49 19.66 28.47 33.85
O MSE C 49 19.59 27.60 32.99
CB MSE C 49 18.44 27.91 36.02
CG MSE C 49 18.45 27.05 37.32
SE MSE C 49 18.70 25.24 37.03
CE MSE C 49 16.92 24.67 36.12
N ASP C 50 19.59 29.76 33.55
CA ASP C 50 19.52 30.19 32.15
C ASP C 50 20.79 29.69 31.37
N LYS C 51 21.92 29.84 32.01
CA LYS C 51 23.19 29.39 31.39
C LYS C 51 23.27 27.88 31.28
N LEU C 52 22.65 27.14 32.23
CA LEU C 52 22.56 25.68 32.05
C LEU C 52 21.73 25.33 30.82
N LYS C 53 20.56 25.98 30.67
CA LYS C 53 19.68 25.72 29.56
C LYS C 53 20.36 26.00 28.25
N ASP C 54 21.06 27.11 28.20
CA ASP C 54 21.72 27.57 26.96
C ASP C 54 22.86 26.61 26.62
N PHE C 55 23.51 26.12 27.66
CA PHE C 55 24.61 25.13 27.48
C PHE C 55 24.09 23.75 26.96
N VAL C 56 23.04 23.25 27.58
CA VAL C 56 22.45 21.99 27.16
C VAL C 56 21.91 22.08 25.76
N THR C 57 21.10 23.13 25.49
CA THR C 57 20.41 23.23 24.18
C THR C 57 21.29 23.64 23.04
N ASN C 58 22.14 24.63 23.28
CA ASN C 58 22.94 25.16 22.15
C ASN C 58 24.37 24.67 22.06
N THR C 59 24.87 24.01 23.09
CA THR C 59 26.20 23.34 22.97
C THR C 59 26.04 21.84 22.97
N ILE C 60 25.66 21.23 24.10
CA ILE C 60 25.59 19.78 24.12
C ILE C 60 24.70 19.19 23.03
N ARG C 61 23.48 19.70 22.89
CA ARG C 61 22.55 19.06 22.01
C ARG C 61 22.74 19.48 20.53
N LYS C 62 23.75 20.32 20.24
CA LYS C 62 24.12 20.67 18.88
C LYS C 62 25.50 20.10 18.53
N LEU C 63 26.07 19.33 19.43
CA LEU C 63 27.30 18.56 19.09
C LEU C 63 26.98 17.50 18.02
N PRO C 64 27.89 17.31 17.05
CA PRO C 64 27.67 16.26 16.02
C PRO C 64 27.62 14.94 16.77
N LYS C 65 26.69 14.11 16.36
CA LYS C 65 26.54 12.73 16.82
C LYS C 65 25.93 12.62 18.21
N VAL C 66 25.45 13.73 18.78
CA VAL C 66 24.64 13.63 19.99
C VAL C 66 23.22 13.33 19.51
N ARG C 67 22.65 12.25 19.98
CA ARG C 67 21.29 11.88 19.59
C ARG C 67 20.25 12.31 20.59
N SER C 68 20.52 12.06 21.87
CA SER C 68 19.61 12.53 22.91
C SER C 68 20.33 12.84 24.18
N THR C 69 19.67 13.68 24.96
CA THR C 69 20.11 14.01 26.32
C THR C 69 18.98 13.97 27.33
N LEU C 70 19.37 13.59 28.53
CA LEU C 70 18.49 13.55 29.69
C LEU C 70 19.18 14.26 30.81
N THR C 71 18.76 15.49 31.11
CA THR C 71 19.32 16.31 32.14
C THR C 71 18.57 16.07 33.41
N MSE C 72 19.31 15.70 34.45
CA MSE C 72 18.83 15.54 35.81
C MSE C 72 19.33 16.73 36.64
O MSE C 72 20.56 16.86 36.98
CB MSE C 72 19.32 14.19 36.35
CG MSE C 72 18.99 13.05 35.46
SE MSE C 72 19.62 11.36 36.30
CE MSE C 72 21.62 11.48 35.86
N ILE C 73 18.39 17.59 36.99
CA ILE C 73 18.69 18.76 37.82
C ILE C 73 18.93 18.26 39.21
N ILE C 74 20.03 18.70 39.82
CA ILE C 74 20.47 18.19 41.09
C ILE C 74 19.77 19.07 42.12
N VAL C 75 19.30 18.46 43.19
CA VAL C 75 18.55 19.15 44.21
C VAL C 75 19.53 19.90 45.13
N GLU C 76 19.42 21.23 45.16
CA GLU C 76 20.14 22.04 46.12
C GLU C 76 20.04 21.58 47.54
N GLY C 77 21.18 21.34 48.20
CA GLY C 77 21.12 20.88 49.59
C GLY C 77 21.08 19.35 49.75
N LYS C 78 21.03 18.64 48.62
CA LYS C 78 21.12 17.18 48.59
C LYS C 78 22.18 16.82 47.55
N SER C 79 23.39 17.36 47.71
CA SER C 79 24.41 17.17 46.73
C SER C 79 25.77 17.27 47.45
N LEU C 80 26.54 16.19 47.40
CA LEU C 80 27.84 16.09 48.06
C LEU C 80 28.89 15.59 47.13
N VAL C 81 30.01 16.28 47.04
CA VAL C 81 31.18 15.75 46.37
C VAL C 81 32.29 15.79 47.40
N LYS C 82 32.77 14.64 47.78
CA LYS C 82 33.78 14.49 48.84
C LYS C 82 35.14 14.92 48.34
N ALA D 2 1.22 -19.58 13.41
CA ALA D 2 2.00 -18.74 14.37
C ALA D 2 1.28 -17.40 14.49
N SER D 3 1.23 -16.86 15.71
CA SER D 3 0.54 -15.59 15.90
C SER D 3 1.26 -14.67 16.87
N ALA D 4 1.08 -13.35 16.65
CA ALA D 4 1.78 -12.34 17.36
C ALA D 4 1.05 -11.05 17.32
N ILE D 5 1.39 -10.18 18.30
CA ILE D 5 0.96 -8.80 18.30
C ILE D 5 2.24 -8.01 18.16
N VAL D 6 2.28 -7.09 17.19
CA VAL D 6 3.41 -6.22 16.93
C VAL D 6 3.04 -4.80 17.24
N LEU D 7 3.82 -4.19 18.09
CA LEU D 7 3.72 -2.79 18.46
C LEU D 7 4.71 -2.06 17.57
N ILE D 8 4.22 -1.11 16.79
CA ILE D 8 5.05 -0.38 15.83
C ILE D 8 5.17 1.04 16.20
N ASN D 9 6.40 1.51 16.15
CA ASN D 9 6.61 2.93 16.07
C ASN D 9 6.99 3.44 14.69
N THR D 10 6.45 4.58 14.28
CA THR D 10 6.74 5.17 12.97
C THR D 10 7.57 6.41 13.06
N ASP D 11 8.19 6.80 11.97
CA ASP D 11 8.63 8.18 11.89
C ASP D 11 7.46 9.10 12.15
N ALA D 12 7.78 10.22 12.79
CA ALA D 12 6.79 11.19 13.15
C ALA D 12 5.98 11.55 11.88
N GLY D 13 4.66 11.47 11.98
CA GLY D 13 3.77 11.84 10.90
C GLY D 13 3.47 10.70 9.93
N GLY D 14 4.14 9.54 10.04
CA GLY D 14 3.93 8.44 9.07
C GLY D 14 2.93 7.37 9.45
N GLU D 15 2.27 7.56 10.58
CA GLU D 15 1.51 6.46 11.15
C GLU D 15 0.29 6.14 10.26
N ASP D 16 -0.38 7.14 9.67
CA ASP D 16 -1.55 6.82 8.76
C ASP D 16 -1.14 6.04 7.54
N GLU D 17 0.00 6.46 6.97
CA GLU D 17 0.55 5.76 5.80
C GLU D 17 0.91 4.30 6.08
N VAL D 18 1.58 4.05 7.18
CA VAL D 18 1.97 2.70 7.53
C VAL D 18 0.72 1.89 7.82
N PHE D 19 -0.21 2.50 8.57
CA PHE D 19 -1.49 1.84 8.84
C PHE D 19 -2.18 1.35 7.55
N GLU D 20 -2.27 2.24 6.55
CA GLU D 20 -2.81 1.89 5.23
C GLU D 20 -2.06 0.70 4.50
N ARG D 21 -0.75 0.70 4.52
CA ARG D 21 0.00 -0.39 3.94
C ARG D 21 -0.32 -1.71 4.68
N LEU D 22 -0.40 -1.67 6.01
CA LEU D 22 -0.63 -2.86 6.81
C LEU D 22 -2.00 -3.52 6.63
N LYS D 23 -3.02 -2.65 6.57
CA LYS D 23 -4.41 -3.05 6.46
C LYS D 23 -4.70 -4.04 5.34
N SER D 24 -4.07 -3.84 4.21
CA SER D 24 -4.31 -4.68 3.01
C SER D 24 -3.56 -6.01 2.98
N MSE D 25 -2.77 -6.35 4.01
CA MSE D 25 -1.89 -7.51 3.86
C MSE D 25 -2.64 -8.70 4.57
O MSE D 25 -3.27 -8.55 5.64
CB MSE D 25 -0.42 -7.10 4.31
CG MSE D 25 0.89 -6.57 3.14
SE MSE D 25 1.62 -5.85 4.94
CE MSE D 25 2.53 -4.34 3.81
N SER D 26 -2.65 -9.88 3.95
CA SER D 26 -3.45 -11.01 4.50
C SER D 26 -3.07 -11.51 5.88
N GLU D 27 -1.78 -11.41 6.22
CA GLU D 27 -1.28 -11.82 7.52
C GLU D 27 -1.73 -10.88 8.66
N VAL D 28 -2.16 -9.67 8.30
CA VAL D 28 -2.63 -8.71 9.27
C VAL D 28 -4.14 -8.96 9.54
N THR D 29 -4.49 -9.42 10.75
CA THR D 29 -5.91 -9.78 11.01
C THR D 29 -6.62 -8.64 11.69
N GLU D 30 -5.83 -7.76 12.28
CA GLU D 30 -6.34 -6.53 12.80
C GLU D 30 -5.16 -5.49 12.91
N VAL D 31 -5.51 -4.23 12.80
CA VAL D 31 -4.54 -3.09 12.82
C VAL D 31 -5.23 -1.83 13.30
N HIS D 32 -4.52 -1.05 14.14
CA HIS D 32 -5.09 0.10 14.83
C HIS D 32 -3.99 1.14 15.04
N VAL D 33 -4.22 2.40 14.70
CA VAL D 33 -3.38 3.47 15.18
C VAL D 33 -3.83 3.76 16.60
N VAL D 34 -2.86 4.09 17.40
CA VAL D 34 -3.10 4.28 18.84
C VAL D 34 -2.36 5.46 19.40
N TYR D 35 -2.93 6.05 20.44
CA TYR D 35 -2.21 7.06 21.20
C TYR D 35 -1.31 6.46 22.23
N GLY D 36 -0.18 7.07 22.46
CA GLY D 36 0.71 6.71 23.54
C GLY D 36 2.12 6.44 22.98
N VAL D 37 2.84 5.66 23.72
CA VAL D 37 4.26 5.31 23.47
C VAL D 37 4.45 4.48 22.21
N TYR D 38 3.42 3.77 21.78
CA TYR D 38 3.37 3.10 20.50
C TYR D 38 2.41 3.77 19.54
N ASP D 39 2.61 3.56 18.23
CA ASP D 39 1.84 4.22 17.22
C ASP D 39 0.80 3.32 16.56
N ILE D 40 1.18 2.05 16.36
CA ILE D 40 0.33 1.11 15.65
C ILE D 40 0.42 -0.25 16.34
N VAL D 41 -0.76 -0.87 16.58
CA VAL D 41 -0.80 -2.23 17.03
C VAL D 41 -1.35 -3.08 15.91
N VAL D 42 -0.68 -4.22 15.68
CA VAL D 42 -1.08 -5.13 14.67
C VAL D 42 -1.15 -6.56 15.23
N LYS D 43 -2.13 -7.35 14.78
CA LYS D 43 -2.16 -8.75 15.06
C LYS D 43 -1.77 -9.44 13.80
N VAL D 44 -0.79 -10.32 13.93
CA VAL D 44 -0.30 -11.05 12.80
C VAL D 44 -0.56 -12.56 12.99
N GLU D 45 -1.06 -13.19 11.93
CA GLU D 45 -1.30 -14.64 11.89
C GLU D 45 -0.61 -15.14 10.63
N ALA D 46 0.35 -16.04 10.79
CA ALA D 46 1.07 -16.53 9.66
C ALA D 46 1.00 -18.06 9.76
N ASP D 47 1.24 -18.74 8.66
CA ASP D 47 1.15 -20.22 8.71
C ASP D 47 2.22 -20.93 9.56
N SER D 48 3.37 -20.29 9.75
CA SER D 48 4.45 -20.88 10.53
C SER D 48 5.27 -19.80 11.24
N MSE D 49 6.19 -20.23 12.10
CA MSE D 49 7.11 -19.28 12.73
C MSE D 49 8.10 -18.68 11.68
O MSE D 49 8.39 -17.49 11.70
CB MSE D 49 7.84 -19.92 13.93
CG MSE D 49 6.97 -20.03 15.19
SE MSE D 49 6.49 -18.41 15.98
CE MSE D 49 8.25 -17.92 16.46
N ASP D 50 8.57 -19.50 10.72
CA ASP D 50 9.42 -18.95 9.68
C ASP D 50 8.63 -17.88 8.88
N LYS D 51 7.38 -18.15 8.54
CA LYS D 51 6.67 -17.12 7.80
C LYS D 51 6.34 -15.85 8.61
N LEU D 52 6.12 -16.01 9.90
CA LEU D 52 6.09 -14.88 10.82
C LEU D 52 7.33 -14.05 10.77
N LYS D 53 8.48 -14.73 10.92
CA LYS D 53 9.76 -14.07 10.78
C LYS D 53 9.92 -13.29 9.51
N ASP D 54 9.65 -13.90 8.36
CA ASP D 54 9.85 -13.26 7.09
C ASP D 54 8.92 -12.08 6.94
N PHE D 55 7.68 -12.22 7.41
CA PHE D 55 6.69 -11.12 7.39
C PHE D 55 7.10 -9.90 8.23
N VAL D 56 7.52 -10.12 9.49
CA VAL D 56 8.04 -9.07 10.31
C VAL D 56 9.26 -8.35 9.69
N THR D 57 10.28 -9.14 9.37
CA THR D 57 11.56 -8.55 8.88
C THR D 57 11.46 -7.97 7.48
N ASN D 58 10.89 -8.74 6.59
CA ASN D 58 10.88 -8.39 5.17
C ASN D 58 9.67 -7.64 4.62
N THR D 59 8.55 -7.64 5.34
CA THR D 59 7.46 -6.76 4.99
C THR D 59 7.33 -5.59 6.01
N ILE D 60 7.00 -5.90 7.26
CA ILE D 60 6.71 -4.85 8.22
C ILE D 60 7.88 -3.90 8.39
N ARG D 61 9.05 -4.48 8.60
CA ARG D 61 10.21 -3.68 8.93
C ARG D 61 10.88 -3.06 7.74
N LYS D 62 10.41 -3.38 6.54
CA LYS D 62 10.87 -2.70 5.31
C LYS D 62 9.87 -1.70 4.79
N LEU D 63 8.76 -1.52 5.50
CA LEU D 63 7.84 -0.46 5.11
C LEU D 63 8.47 0.92 5.36
N PRO D 64 8.32 1.83 4.39
CA PRO D 64 8.78 3.19 4.56
C PRO D 64 8.16 3.74 5.82
N LYS D 65 8.97 4.45 6.55
CA LYS D 65 8.54 5.16 7.75
C LYS D 65 8.29 4.28 8.97
N VAL D 66 8.51 3.00 8.88
CA VAL D 66 8.70 2.16 10.07
C VAL D 66 10.03 2.43 10.74
N ARG D 67 9.99 2.87 11.99
CA ARG D 67 11.19 3.11 12.81
C ARG D 67 11.55 1.89 13.66
N SER D 68 10.55 1.37 14.39
CA SER D 68 10.79 0.21 15.24
C SER D 68 9.55 -0.71 15.37
N THR D 69 9.84 -1.97 15.69
CA THR D 69 8.79 -2.93 15.94
C THR D 69 9.15 -3.76 17.15
N LEU D 70 8.10 -4.13 17.88
CA LEU D 70 8.22 -4.98 19.00
C LEU D 70 7.21 -6.10 18.86
N THR D 71 7.69 -7.29 18.54
CA THR D 71 6.80 -8.40 18.25
C THR D 71 6.68 -9.14 19.53
N MSE D 72 5.41 -9.33 19.95
CA MSE D 72 5.11 -10.13 21.07
C MSE D 72 4.47 -11.46 20.68
O MSE D 72 3.28 -11.54 20.21
CB MSE D 72 4.23 -9.35 22.04
CG MSE D 72 4.78 -8.01 22.62
SE MSE D 72 3.30 -7.14 23.60
CE MSE D 72 2.05 -6.62 22.12
N ILE D 73 5.26 -12.53 20.77
CA ILE D 73 4.75 -13.84 20.39
C ILE D 73 3.63 -14.26 21.39
N ILE D 74 2.50 -14.73 20.81
CA ILE D 74 1.41 -15.14 21.65
C ILE D 74 1.64 -16.58 22.10
N VAL D 75 1.35 -16.85 23.35
CA VAL D 75 1.48 -18.21 23.92
C VAL D 75 0.36 -19.12 23.47
N GLU D 76 0.72 -20.23 22.84
CA GLU D 76 -0.26 -21.25 22.42
C GLU D 76 -0.95 -21.73 23.65
N GLY D 77 -2.28 -21.70 23.61
CA GLY D 77 -3.06 -22.17 24.70
C GLY D 77 -3.43 -21.08 25.71
N LYS D 78 -2.97 -19.85 25.46
CA LYS D 78 -3.35 -18.72 26.33
C LYS D 78 -3.74 -17.59 25.38
N SER D 79 -4.70 -17.89 24.51
CA SER D 79 -5.04 -16.99 23.45
C SER D 79 -6.53 -17.19 23.14
N LEU D 80 -7.29 -16.13 23.32
CA LEU D 80 -8.74 -16.12 23.05
C LEU D 80 -9.14 -14.90 22.23
N VAL D 81 -9.88 -15.15 21.14
CA VAL D 81 -10.56 -14.13 20.38
C VAL D 81 -12.02 -14.54 20.40
N LYS D 82 -12.84 -13.74 21.05
CA LYS D 82 -14.26 -14.09 21.15
C LYS D 82 -15.00 -13.90 19.85
N ALA E 2 -3.97 19.49 -12.26
CA ALA E 2 -3.66 18.54 -13.32
C ALA E 2 -4.41 17.25 -13.00
N SER E 3 -5.14 16.72 -13.97
CA SER E 3 -5.96 15.58 -13.75
C SER E 3 -5.93 14.68 -14.95
N ALA E 4 -6.06 13.41 -14.62
CA ALA E 4 -5.94 12.37 -15.62
C ALA E 4 -6.72 11.18 -15.18
N ILE E 5 -7.07 10.34 -16.16
CA ILE E 5 -7.63 9.07 -15.90
C ILE E 5 -6.63 8.02 -16.39
N VAL E 6 -6.22 7.12 -15.51
CA VAL E 6 -5.19 6.12 -15.83
C VAL E 6 -5.81 4.73 -15.90
N LEU E 7 -5.57 4.03 -16.98
CA LEU E 7 -6.02 2.66 -17.15
C LEU E 7 -4.79 1.77 -16.90
N ILE E 8 -4.91 0.84 -16.00
CA ILE E 8 -3.81 -0.01 -15.55
C ILE E 8 -4.11 -1.45 -15.85
N ASN E 9 -3.12 -2.14 -16.35
CA ASN E 9 -3.12 -3.56 -16.36
C ASN E 9 -2.07 -4.07 -15.35
N THR E 10 -2.38 -5.15 -14.66
CA THR E 10 -1.44 -5.71 -13.69
C THR E 10 -1.00 -7.08 -14.18
N ASP E 11 0.00 -7.61 -13.50
CA ASP E 11 0.28 -9.02 -13.64
C ASP E 11 -1.00 -9.74 -13.23
N ALA E 12 -1.24 -10.85 -13.92
CA ALA E 12 -2.43 -11.67 -13.67
C ALA E 12 -2.44 -12.00 -12.19
N GLY E 13 -3.59 -11.68 -11.58
CA GLY E 13 -3.96 -11.96 -10.22
C GLY E 13 -3.54 -10.88 -9.22
N GLY E 14 -2.79 -9.90 -9.70
CA GLY E 14 -2.30 -8.77 -8.91
C GLY E 14 -3.20 -7.53 -8.75
N GLU E 15 -4.39 -7.57 -9.30
CA GLU E 15 -5.23 -6.40 -9.35
C GLU E 15 -5.75 -5.95 -7.96
N ASP E 16 -6.07 -6.87 -7.01
CA ASP E 16 -6.54 -6.44 -5.69
C ASP E 16 -5.45 -5.75 -4.88
N GLU E 17 -4.22 -6.25 -4.98
CA GLU E 17 -3.08 -5.67 -4.25
C GLU E 17 -2.74 -4.28 -4.79
N VAL E 18 -2.71 -4.14 -6.11
CA VAL E 18 -2.54 -2.84 -6.73
C VAL E 18 -3.70 -1.88 -6.35
N PHE E 19 -4.95 -2.32 -6.39
CA PHE E 19 -6.06 -1.52 -6.01
C PHE E 19 -5.89 -1.01 -4.58
N GLU E 20 -5.47 -1.88 -3.69
CA GLU E 20 -5.23 -1.43 -2.29
C GLU E 20 -4.16 -0.36 -2.15
N ARG E 21 -3.08 -0.49 -2.88
CA ARG E 21 -2.02 0.48 -2.79
C ARG E 21 -2.49 1.85 -3.32
N LEU E 22 -3.26 1.86 -4.42
CA LEU E 22 -3.72 3.12 -4.98
C LEU E 22 -4.74 3.89 -4.12
N LYS E 23 -5.66 3.14 -3.50
CA LYS E 23 -6.76 3.61 -2.71
C LYS E 23 -6.29 4.53 -1.60
N SER E 24 -5.11 4.26 -1.04
CA SER E 24 -4.53 5.00 0.10
C SER E 24 -3.94 6.39 -0.32
N MSE E 25 -3.70 6.56 -1.62
CA MSE E 25 -2.91 7.67 -2.14
C MSE E 25 -3.81 8.95 -2.26
O MSE E 25 -4.89 8.91 -2.90
CB MSE E 25 -2.28 7.34 -3.54
CG MSE E 25 -1.26 6.14 -3.76
SE MSE E 25 0.23 6.41 -2.53
CE MSE E 25 -0.39 5.83 -0.76
N SER E 26 -3.41 10.08 -1.66
CA SER E 26 -4.22 11.30 -1.78
C SER E 26 -4.39 11.84 -3.21
N GLU E 27 -3.43 11.61 -4.09
CA GLU E 27 -3.64 11.93 -5.50
C GLU E 27 -4.75 11.09 -6.20
N VAL E 28 -5.16 9.99 -5.61
CA VAL E 28 -6.09 9.07 -6.21
C VAL E 28 -7.43 9.44 -5.63
N THR E 29 -8.30 9.99 -6.46
CA THR E 29 -9.58 10.46 -6.04
C THR E 29 -10.63 9.44 -6.27
N GLU E 30 -10.43 8.53 -7.22
CA GLU E 30 -11.25 7.33 -7.32
C GLU E 30 -10.43 6.20 -7.96
N VAL E 31 -10.83 4.98 -7.64
CA VAL E 31 -10.20 3.74 -8.08
C VAL E 31 -11.22 2.57 -8.11
N HIS E 32 -11.22 1.78 -9.19
CA HIS E 32 -12.12 0.68 -9.40
C HIS E 32 -11.38 -0.43 -10.12
N VAL E 33 -11.56 -1.66 -9.66
CA VAL E 33 -11.14 -2.82 -10.45
C VAL E 33 -12.28 -3.01 -11.39
N VAL E 34 -11.93 -3.32 -12.61
CA VAL E 34 -12.94 -3.46 -13.67
C VAL E 34 -12.76 -4.75 -14.51
N TYR E 35 -13.85 -5.20 -15.10
CA TYR E 35 -13.83 -6.34 -16.04
C TYR E 35 -13.50 -5.84 -17.46
N GLY E 36 -12.59 -6.53 -18.13
CA GLY E 36 -12.31 -6.35 -19.53
C GLY E 36 -10.79 -6.13 -19.81
N VAL E 37 -10.49 -5.40 -20.87
CA VAL E 37 -9.16 -5.26 -21.43
C VAL E 37 -8.20 -4.54 -20.51
N TYR E 38 -8.72 -3.71 -19.63
CA TYR E 38 -7.95 -3.11 -18.52
C TYR E 38 -8.37 -3.67 -17.16
N ASP E 39 -7.53 -3.51 -16.13
CA ASP E 39 -7.78 -4.11 -14.83
C ASP E 39 -8.22 -3.10 -13.77
N ILE E 40 -7.74 -1.85 -13.85
CA ILE E 40 -7.99 -0.84 -12.82
C ILE E 40 -8.13 0.50 -13.54
N VAL E 41 -9.11 1.29 -13.13
CA VAL E 41 -9.27 2.64 -13.59
C VAL E 41 -9.03 3.51 -12.38
N VAL E 42 -8.19 4.53 -12.56
CA VAL E 42 -7.76 5.47 -11.58
C VAL E 42 -8.03 6.93 -12.09
N LYS E 43 -8.64 7.77 -11.24
CA LYS E 43 -8.69 9.22 -11.47
C LYS E 43 -7.65 9.82 -10.57
N VAL E 44 -6.68 10.50 -11.16
CA VAL E 44 -5.60 11.15 -10.45
C VAL E 44 -5.76 12.68 -10.53
N GLU E 45 -5.58 13.34 -9.40
CA GLU E 45 -5.61 14.79 -9.36
C GLU E 45 -4.33 15.20 -8.65
N ALA E 46 -3.50 15.96 -9.31
CA ALA E 46 -2.28 16.43 -8.71
C ALA E 46 -2.27 17.98 -8.80
N ASP E 47 -1.43 18.61 -7.99
CA ASP E 47 -1.35 20.08 -7.92
C ASP E 47 -0.78 20.69 -9.20
N SER E 48 0.03 19.93 -9.92
CA SER E 48 0.66 20.37 -11.16
C SER E 48 0.93 19.21 -12.15
N MSE E 49 1.28 19.51 -13.39
CA MSE E 49 1.62 18.50 -14.39
C MSE E 49 2.92 17.81 -13.99
O MSE E 49 3.08 16.59 -14.18
CB MSE E 49 1.81 19.10 -15.80
CG MSE E 49 0.53 19.37 -16.56
SE MSE E 49 -0.52 17.85 -16.94
CE MSE E 49 0.75 17.11 -18.04
N ASP E 50 3.87 18.55 -13.40
CA ASP E 50 5.11 17.90 -12.95
C ASP E 50 4.81 16.84 -11.90
N LYS E 51 3.88 17.18 -11.01
CA LYS E 51 3.51 16.29 -9.94
C LYS E 51 2.70 15.09 -10.47
N LEU E 52 1.91 15.27 -11.53
CA LEU E 52 1.20 14.14 -12.21
C LEU E 52 2.23 13.20 -12.77
N LYS E 53 3.19 13.78 -13.50
CA LYS E 53 4.24 13.01 -14.08
C LYS E 53 4.92 12.14 -13.00
N ASP E 54 5.35 12.78 -11.90
CA ASP E 54 6.04 12.09 -10.81
C ASP E 54 5.19 11.00 -10.20
N PHE E 55 3.89 11.26 -9.95
CA PHE E 55 2.99 10.27 -9.42
C PHE E 55 2.85 9.03 -10.34
N VAL E 56 2.68 9.25 -11.65
CA VAL E 56 2.48 8.14 -12.61
C VAL E 56 3.80 7.36 -12.72
N THR E 57 4.91 8.02 -12.95
CA THR E 57 6.18 7.29 -13.17
C THR E 57 6.72 6.65 -11.87
N ASN E 58 6.72 7.41 -10.77
CA ASN E 58 7.50 6.99 -9.58
C ASN E 58 6.67 6.35 -8.46
N THR E 59 5.35 6.46 -8.49
CA THR E 59 4.47 5.76 -7.59
C THR E 59 3.71 4.68 -8.41
N ILE E 60 2.82 5.08 -9.31
CA ILE E 60 1.96 4.09 -9.93
C ILE E 60 2.83 3.04 -10.63
N ARG E 61 3.67 3.49 -11.52
CA ARG E 61 4.43 2.58 -12.37
C ARG E 61 5.53 1.81 -11.63
N LYS E 62 5.78 2.12 -10.35
CA LYS E 62 6.77 1.40 -9.52
C LYS E 62 6.07 0.49 -8.56
N LEU E 63 4.75 0.47 -8.56
CA LEU E 63 4.01 -0.43 -7.70
C LEU E 63 4.29 -1.86 -8.19
N PRO E 64 4.51 -2.77 -7.27
CA PRO E 64 4.74 -4.16 -7.68
C PRO E 64 3.49 -4.63 -8.36
N LYS E 65 3.72 -5.46 -9.35
CA LYS E 65 2.71 -6.10 -10.17
C LYS E 65 1.89 -5.14 -11.12
N VAL E 66 2.26 -3.86 -11.19
CA VAL E 66 1.91 -3.03 -12.37
C VAL E 66 2.66 -3.39 -13.65
N ARG E 67 1.89 -3.85 -14.63
CA ARG E 67 2.48 -4.18 -15.91
C ARG E 67 2.48 -3.00 -16.88
N SER E 68 1.31 -2.35 -17.02
CA SER E 68 1.13 -1.24 -17.95
C SER E 68 0.27 -0.16 -17.35
N THR E 69 0.58 1.07 -17.72
CA THR E 69 -0.26 2.24 -17.52
C THR E 69 -0.54 2.99 -18.82
N LEU E 70 -1.74 3.56 -18.87
CA LEU E 70 -2.21 4.38 -19.96
C LEU E 70 -2.84 5.63 -19.41
N THR E 71 -2.11 6.73 -19.38
CA THR E 71 -2.58 7.95 -18.76
C THR E 71 -3.27 8.82 -19.80
N MSE E 72 -4.57 9.04 -19.61
CA MSE E 72 -5.39 9.92 -20.39
C MSE E 72 -5.55 11.26 -19.67
O MSE E 72 -6.32 11.39 -18.75
CB MSE E 72 -6.79 9.32 -20.60
CG MSE E 72 -6.75 7.85 -20.79
SE MSE E 72 -8.50 7.11 -21.51
CE MSE E 72 -7.53 6.95 -22.60
N ILE E 73 -4.83 12.25 -20.13
CA ILE E 73 -4.89 13.59 -19.56
C ILE E 73 -6.28 14.14 -19.89
N ILE E 74 -6.99 14.58 -18.86
CA ILE E 74 -8.29 15.18 -19.05
C ILE E 74 -8.16 16.61 -19.60
N VAL E 75 -9.04 16.97 -20.53
CA VAL E 75 -8.98 18.27 -21.18
C VAL E 75 -9.62 19.32 -20.24
N GLU E 76 -8.85 20.33 -19.88
CA GLU E 76 -9.32 21.42 -19.05
C GLU E 76 -10.48 22.09 -19.78
N GLY E 77 -11.59 22.23 -19.11
CA GLY E 77 -12.80 22.86 -19.67
C GLY E 77 -13.80 21.82 -20.19
N LYS E 78 -13.37 20.55 -20.24
CA LYS E 78 -14.25 19.46 -20.67
C LYS E 78 -14.19 18.31 -19.63
N SER E 79 -14.56 18.69 -18.41
CA SER E 79 -14.48 17.81 -17.24
C SER E 79 -15.61 18.17 -16.27
N LEU E 80 -16.45 17.19 -15.95
CA LEU E 80 -17.57 17.39 -15.07
C LEU E 80 -17.72 16.21 -14.12
N VAL E 81 -17.67 16.47 -12.82
CA VAL E 81 -18.00 15.46 -11.84
C VAL E 81 -19.19 16.06 -11.16
N LYS E 82 -20.34 15.42 -11.29
CA LYS E 82 -21.51 15.86 -10.56
C LYS E 82 -21.37 15.24 -9.16
N ALA F 2 -17.00 -28.52 -38.26
CA ALA F 2 -16.10 -27.33 -38.13
C ALA F 2 -16.68 -26.34 -37.11
N SER F 3 -15.86 -25.86 -36.17
CA SER F 3 -16.34 -25.06 -35.00
C SER F 3 -15.50 -23.79 -34.79
N ALA F 4 -16.15 -22.71 -34.42
CA ALA F 4 -15.48 -21.45 -34.23
C ALA F 4 -16.18 -20.59 -33.27
N ILE F 5 -15.46 -19.62 -32.74
CA ILE F 5 -16.11 -18.61 -31.89
C ILE F 5 -15.82 -17.29 -32.59
N VAL F 6 -16.86 -16.51 -32.83
CA VAL F 6 -16.71 -15.26 -33.56
C VAL F 6 -17.10 -14.10 -32.66
N LEU F 7 -16.17 -13.17 -32.52
CA LEU F 7 -16.38 -11.95 -31.77
C LEU F 7 -16.83 -10.87 -32.77
N ILE F 8 -18.00 -10.29 -32.55
CA ILE F 8 -18.56 -9.39 -33.48
C ILE F 8 -18.61 -7.98 -32.88
N ASN F 9 -18.29 -6.98 -33.67
CA ASN F 9 -18.63 -5.60 -33.30
C ASN F 9 -19.66 -5.07 -34.24
N THR F 10 -20.62 -4.34 -33.73
CA THR F 10 -21.65 -3.81 -34.58
C THR F 10 -21.50 -2.28 -34.67
N ASP F 11 -22.22 -1.69 -35.58
CA ASP F 11 -22.42 -0.27 -35.44
C ASP F 11 -22.99 0.05 -34.07
N ALA F 12 -22.70 1.23 -33.55
CA ALA F 12 -23.16 1.60 -32.22
C ALA F 12 -24.70 1.58 -32.24
N GLY F 13 -25.25 0.83 -31.30
CA GLY F 13 -26.68 0.71 -31.00
C GLY F 13 -27.34 -0.39 -31.80
N GLY F 14 -26.54 -1.08 -32.59
CA GLY F 14 -27.11 -2.09 -33.49
C GLY F 14 -27.08 -3.49 -32.94
N GLU F 15 -26.49 -3.68 -31.76
CA GLU F 15 -26.23 -5.00 -31.22
C GLU F 15 -27.51 -5.84 -30.92
N ASP F 16 -28.60 -5.22 -30.49
CA ASP F 16 -29.82 -6.01 -30.18
C ASP F 16 -30.44 -6.55 -31.49
N GLU F 17 -30.44 -5.73 -32.54
CA GLU F 17 -30.91 -6.18 -33.86
C GLU F 17 -30.12 -7.33 -34.42
N VAL F 18 -28.80 -7.22 -34.31
CA VAL F 18 -27.92 -8.21 -34.89
C VAL F 18 -28.09 -9.46 -34.07
N PHE F 19 -28.19 -9.29 -32.74
CA PHE F 19 -28.38 -10.44 -31.83
C PHE F 19 -29.60 -11.25 -32.25
N GLU F 20 -30.70 -10.55 -32.50
CA GLU F 20 -31.96 -11.28 -32.87
C GLU F 20 -31.84 -12.00 -34.22
N ARG F 21 -31.10 -11.43 -35.18
CA ARG F 21 -30.91 -12.11 -36.47
C ARG F 21 -30.14 -13.38 -36.30
N LEU F 22 -29.04 -13.31 -35.53
CA LEU F 22 -28.16 -14.46 -35.34
C LEU F 22 -28.84 -15.61 -34.62
N LYS F 23 -29.72 -15.25 -33.70
CA LYS F 23 -30.33 -16.21 -32.79
C LYS F 23 -31.08 -17.28 -33.65
N SER F 24 -31.54 -16.84 -34.82
CA SER F 24 -32.48 -17.64 -35.61
C SER F 24 -31.77 -18.56 -36.60
N MSE F 25 -30.46 -18.35 -36.81
CA MSE F 25 -29.67 -19.22 -37.63
C MSE F 25 -29.21 -20.48 -36.92
O MSE F 25 -28.68 -20.47 -35.82
CB MSE F 25 -28.49 -18.46 -38.16
CG MSE F 25 -28.89 -17.39 -39.17
SE MSE F 25 -27.63 -16.01 -38.91
CE MSE F 25 -28.56 -14.65 -40.19
N SER F 26 -29.38 -21.59 -37.64
CA SER F 26 -29.13 -22.92 -37.10
C SER F 26 -27.62 -23.13 -36.86
N GLU F 27 -26.76 -22.45 -37.63
CA GLU F 27 -25.31 -22.57 -37.46
C GLU F 27 -24.79 -21.97 -36.15
N VAL F 28 -25.59 -21.08 -35.57
CA VAL F 28 -25.31 -20.35 -34.33
C VAL F 28 -25.86 -21.16 -33.19
N THR F 29 -24.98 -21.81 -32.42
CA THR F 29 -25.41 -22.64 -31.29
C THR F 29 -25.45 -21.86 -29.99
N GLU F 30 -24.69 -20.77 -29.92
CA GLU F 30 -24.81 -19.84 -28.79
C GLU F 30 -24.60 -18.46 -29.29
N VAL F 31 -25.16 -17.52 -28.57
CA VAL F 31 -24.98 -16.11 -28.95
C VAL F 31 -25.23 -15.26 -27.72
N HIS F 32 -24.30 -14.36 -27.44
CA HIS F 32 -24.43 -13.47 -26.30
C HIS F 32 -24.06 -12.04 -26.63
N VAL F 33 -24.84 -11.07 -26.17
CA VAL F 33 -24.35 -9.70 -26.23
C VAL F 33 -23.43 -9.49 -24.98
N VAL F 34 -22.36 -8.75 -25.10
CA VAL F 34 -21.38 -8.66 -24.04
C VAL F 34 -20.90 -7.23 -23.83
N TYR F 35 -20.49 -6.94 -22.59
CA TYR F 35 -19.89 -5.64 -22.24
C TYR F 35 -18.42 -5.71 -22.58
N GLY F 36 -17.86 -4.67 -23.20
CA GLY F 36 -16.43 -4.64 -23.49
C GLY F 36 -16.08 -4.25 -24.93
N VAL F 37 -14.85 -4.60 -25.33
CA VAL F 37 -14.26 -4.26 -26.62
C VAL F 37 -15.02 -4.93 -27.77
N TYR F 38 -15.63 -6.07 -27.51
CA TYR F 38 -16.51 -6.73 -28.47
C TYR F 38 -17.97 -6.53 -28.03
N ASP F 39 -18.90 -6.70 -28.97
CA ASP F 39 -20.36 -6.55 -28.74
C ASP F 39 -21.16 -7.84 -28.65
N ILE F 40 -20.81 -8.82 -29.44
CA ILE F 40 -21.52 -10.10 -29.53
C ILE F 40 -20.52 -11.23 -29.68
N VAL F 41 -20.72 -12.27 -28.93
CA VAL F 41 -19.98 -13.52 -29.03
C VAL F 41 -20.93 -14.59 -29.59
N VAL F 42 -20.52 -15.25 -30.65
CA VAL F 42 -21.26 -16.36 -31.20
C VAL F 42 -20.44 -17.61 -31.25
N LYS F 43 -21.04 -18.74 -30.93
CA LYS F 43 -20.36 -19.98 -31.27
C LYS F 43 -21.08 -20.51 -32.51
N VAL F 44 -20.28 -20.93 -33.48
CA VAL F 44 -20.78 -21.39 -34.76
C VAL F 44 -20.30 -22.81 -34.97
N GLU F 45 -21.23 -23.64 -35.38
CA GLU F 45 -20.92 -25.00 -35.83
C GLU F 45 -21.47 -25.22 -37.25
N ALA F 46 -20.59 -25.54 -38.19
CA ALA F 46 -20.91 -25.80 -39.60
C ALA F 46 -20.43 -27.20 -39.94
N ASP F 47 -21.03 -27.78 -40.99
CA ASP F 47 -20.70 -29.14 -41.41
C ASP F 47 -19.29 -29.31 -41.96
N SER F 48 -18.70 -28.23 -42.42
CA SER F 48 -17.37 -28.24 -42.98
C SER F 48 -16.73 -26.87 -42.82
N MSE F 49 -15.44 -26.75 -43.13
CA MSE F 49 -14.70 -25.49 -43.09
C MSE F 49 -15.15 -24.58 -44.23
O MSE F 49 -15.21 -23.40 -44.04
CB MSE F 49 -13.18 -25.72 -43.19
CG MSE F 49 -12.53 -26.20 -41.87
SE MSE F 49 -12.65 -24.85 -40.54
CE MSE F 49 -11.09 -23.83 -41.04
N ASP F 50 -15.47 -25.14 -45.42
CA ASP F 50 -16.09 -24.34 -46.52
C ASP F 50 -17.45 -23.76 -46.09
N LYS F 51 -18.18 -24.53 -45.31
CA LYS F 51 -19.49 -24.04 -44.90
C LYS F 51 -19.34 -22.99 -43.76
N LEU F 52 -18.28 -23.10 -42.97
CA LEU F 52 -17.99 -22.06 -41.97
C LEU F 52 -17.66 -20.77 -42.67
N LYS F 53 -16.71 -20.83 -43.61
CA LYS F 53 -16.32 -19.69 -44.44
C LYS F 53 -17.51 -18.98 -45.04
N ASP F 54 -18.38 -19.76 -45.66
CA ASP F 54 -19.48 -19.20 -46.42
C ASP F 54 -20.42 -18.53 -45.43
N PHE F 55 -20.66 -19.16 -44.30
CA PHE F 55 -21.56 -18.62 -43.30
C PHE F 55 -21.02 -17.27 -42.72
N VAL F 56 -19.74 -17.25 -42.38
CA VAL F 56 -19.09 -16.06 -41.82
C VAL F 56 -19.12 -14.92 -42.83
N THR F 57 -18.69 -15.20 -44.06
CA THR F 57 -18.59 -14.19 -45.11
C THR F 57 -19.93 -13.78 -45.66
N ASN F 58 -20.73 -14.75 -46.01
CA ASN F 58 -21.99 -14.42 -46.74
C ASN F 58 -23.28 -14.25 -45.92
N THR F 59 -23.22 -14.69 -44.66
CA THR F 59 -24.25 -14.46 -43.70
C THR F 59 -23.82 -13.42 -42.65
N ILE F 60 -22.94 -13.78 -41.70
CA ILE F 60 -22.72 -12.90 -40.55
C ILE F 60 -22.20 -11.53 -41.06
N ARG F 61 -21.20 -11.55 -41.90
CA ARG F 61 -20.55 -10.32 -42.33
C ARG F 61 -21.37 -9.50 -43.32
N LYS F 62 -22.50 -10.01 -43.78
CA LYS F 62 -23.44 -9.26 -44.62
C LYS F 62 -24.69 -8.90 -43.83
N LEU F 63 -24.69 -9.12 -42.52
CA LEU F 63 -25.84 -8.68 -41.72
C LEU F 63 -25.80 -7.13 -41.54
N PRO F 64 -26.96 -6.45 -41.65
CA PRO F 64 -27.00 -5.00 -41.41
C PRO F 64 -26.41 -4.72 -40.04
N LYS F 65 -25.57 -3.71 -39.98
CA LYS F 65 -24.97 -3.19 -38.76
C LYS F 65 -23.82 -4.06 -38.19
N VAL F 66 -23.34 -5.07 -38.91
CA VAL F 66 -22.16 -5.78 -38.44
C VAL F 66 -21.05 -4.96 -39.03
N ARG F 67 -20.18 -4.46 -38.17
CA ARG F 67 -19.03 -3.73 -38.62
C ARG F 67 -17.76 -4.59 -38.79
N SER F 68 -17.54 -5.55 -37.90
CA SER F 68 -16.34 -6.35 -37.96
C SER F 68 -16.55 -7.68 -37.25
N THR F 69 -15.77 -8.66 -37.67
CA THR F 69 -15.78 -9.98 -37.03
C THR F 69 -14.39 -10.55 -36.89
N LEU F 70 -14.20 -11.30 -35.81
CA LEU F 70 -12.95 -11.97 -35.53
C LEU F 70 -13.28 -13.38 -35.19
N THR F 71 -13.07 -14.28 -36.15
CA THR F 71 -13.37 -15.64 -36.04
C THR F 71 -12.17 -16.36 -35.46
N MSE F 72 -12.45 -17.08 -34.39
CA MSE F 72 -11.45 -17.88 -33.71
C MSE F 72 -11.78 -19.34 -33.97
O MSE F 72 -12.71 -19.85 -33.41
CB MSE F 72 -11.43 -17.56 -32.23
CG MSE F 72 -11.24 -16.11 -31.91
SE MSE F 72 -11.10 -15.81 -29.95
CE MSE F 72 -12.86 -15.84 -29.51
N ILE F 73 -11.01 -19.98 -34.84
CA ILE F 73 -11.12 -21.40 -35.13
C ILE F 73 -10.74 -22.19 -33.85
N ILE F 74 -11.62 -23.08 -33.42
CA ILE F 74 -11.44 -23.89 -32.19
C ILE F 74 -10.56 -25.05 -32.62
N VAL F 75 -9.59 -25.36 -31.79
CA VAL F 75 -8.64 -26.44 -32.07
C VAL F 75 -9.34 -27.81 -31.78
N GLU F 76 -9.53 -28.63 -32.82
CA GLU F 76 -9.97 -30.02 -32.63
C GLU F 76 -9.15 -30.79 -31.59
N GLY F 77 -9.83 -31.40 -30.63
CA GLY F 77 -9.15 -32.09 -29.53
C GLY F 77 -8.91 -31.22 -28.30
N LYS F 78 -9.16 -29.91 -28.44
CA LYS F 78 -9.02 -28.96 -27.32
C LYS F 78 -10.27 -28.14 -27.16
N SER F 79 -11.38 -28.84 -27.00
CA SER F 79 -12.69 -28.25 -27.03
C SER F 79 -13.64 -29.07 -26.16
N LEU F 80 -14.12 -28.47 -25.09
CA LEU F 80 -15.05 -29.10 -24.18
C LEU F 80 -16.29 -28.24 -23.89
N VAL F 81 -17.46 -28.80 -24.11
CA VAL F 81 -18.72 -28.27 -23.57
C VAL F 81 -19.29 -29.34 -22.61
N LYS F 82 -19.44 -28.99 -21.36
CA LYS F 82 -19.95 -29.92 -20.31
C LYS F 82 -21.48 -30.05 -20.36
N ALA G 2 -24.34 -14.95 -12.38
CA ALA G 2 -23.31 -14.18 -13.18
C ALA G 2 -22.61 -15.08 -14.21
N SER G 3 -22.62 -14.64 -15.45
CA SER G 3 -22.09 -15.40 -16.59
C SER G 3 -21.19 -14.46 -17.37
N ALA G 4 -20.12 -15.03 -17.88
CA ALA G 4 -19.10 -14.32 -18.59
C ALA G 4 -18.36 -15.24 -19.56
N ILE G 5 -17.77 -14.65 -20.60
CA ILE G 5 -16.90 -15.36 -21.47
C ILE G 5 -15.58 -14.72 -21.12
N VAL G 6 -14.58 -15.54 -20.85
CA VAL G 6 -13.22 -15.01 -20.58
C VAL G 6 -12.25 -15.44 -21.66
N LEU G 7 -11.55 -14.49 -22.22
CA LEU G 7 -10.59 -14.71 -23.27
C LEU G 7 -9.24 -14.66 -22.56
N ILE G 8 -8.48 -15.70 -22.74
CA ILE G 8 -7.17 -15.93 -22.10
C ILE G 8 -5.97 -15.94 -23.00
N ASN G 9 -4.88 -15.29 -22.58
CA ASN G 9 -3.61 -15.49 -23.18
C ASN G 9 -2.74 -16.16 -22.22
N THR G 10 -2.02 -17.17 -22.69
CA THR G 10 -1.09 -17.88 -21.79
C THR G 10 0.32 -17.46 -22.16
N ASP G 11 1.25 -17.85 -21.31
CA ASP G 11 2.65 -17.81 -21.70
C ASP G 11 2.75 -18.67 -22.97
N ALA G 12 3.65 -18.28 -23.86
CA ALA G 12 3.76 -19.00 -25.10
C ALA G 12 4.07 -20.50 -24.75
N GLY G 13 3.27 -21.39 -25.31
CA GLY G 13 3.48 -22.82 -25.17
C GLY G 13 2.77 -23.44 -23.99
N GLY G 14 2.07 -22.67 -23.19
CA GLY G 14 1.44 -23.22 -21.97
C GLY G 14 -0.05 -23.45 -22.13
N GLU G 15 -0.60 -23.26 -23.33
CA GLU G 15 -2.02 -23.26 -23.53
C GLU G 15 -2.62 -24.65 -23.25
N ASP G 16 -1.93 -25.74 -23.57
CA ASP G 16 -2.57 -27.07 -23.31
C ASP G 16 -2.56 -27.33 -21.81
N GLU G 17 -1.51 -26.89 -21.15
CA GLU G 17 -1.48 -27.00 -19.70
C GLU G 17 -2.61 -26.25 -19.03
N VAL G 18 -2.85 -25.01 -19.47
CA VAL G 18 -3.85 -24.20 -18.85
C VAL G 18 -5.17 -24.80 -19.17
N PHE G 19 -5.37 -25.26 -20.38
CA PHE G 19 -6.65 -25.88 -20.76
C PHE G 19 -7.03 -27.08 -19.81
N GLU G 20 -6.07 -27.92 -19.56
CA GLU G 20 -6.26 -29.09 -18.70
C GLU G 20 -6.63 -28.70 -17.31
N ARG G 21 -6.09 -27.58 -16.78
CA ARG G 21 -6.49 -27.10 -15.48
C ARG G 21 -7.93 -26.59 -15.47
N LEU G 22 -8.26 -25.82 -16.50
CA LEU G 22 -9.54 -25.16 -16.57
C LEU G 22 -10.66 -26.18 -16.67
N LYS G 23 -10.40 -27.30 -17.31
CA LYS G 23 -11.49 -28.21 -17.62
C LYS G 23 -12.13 -28.88 -16.40
N SER G 24 -11.42 -28.89 -15.29
CA SER G 24 -11.86 -29.64 -14.12
C SER G 24 -12.48 -28.70 -13.07
N MSE G 25 -12.63 -27.40 -13.46
CA MSE G 25 -13.19 -26.41 -12.55
C MSE G 25 -14.71 -26.31 -12.89
O MSE G 25 -15.12 -26.18 -14.04
CB MSE G 25 -12.41 -25.09 -12.61
CG MSE G 25 -10.99 -24.93 -11.71
SE MSE G 25 -10.37 -23.52 -12.78
CE MSE G 25 -8.45 -24.10 -12.64
N SER G 26 -15.54 -26.48 -11.88
CA SER G 26 -16.97 -26.55 -12.11
C SER G 26 -17.55 -25.19 -12.59
N GLU G 27 -16.85 -24.10 -12.33
CA GLU G 27 -17.30 -22.77 -12.79
C GLU G 27 -17.14 -22.65 -14.31
N VAL G 28 -16.32 -23.50 -14.89
CA VAL G 28 -15.99 -23.53 -16.31
C VAL G 28 -16.91 -24.52 -17.00
N THR G 29 -17.88 -23.99 -17.73
CA THR G 29 -18.90 -24.81 -18.43
C THR G 29 -18.48 -25.15 -19.84
N GLU G 30 -17.63 -24.30 -20.42
CA GLU G 30 -16.93 -24.71 -21.64
C GLU G 30 -15.59 -24.12 -21.74
N VAL G 31 -14.72 -24.81 -22.45
CA VAL G 31 -13.33 -24.40 -22.65
C VAL G 31 -12.78 -24.86 -24.01
N HIS G 32 -12.15 -23.92 -24.69
CA HIS G 32 -11.54 -24.18 -26.00
C HIS G 32 -10.22 -23.46 -26.21
N VAL G 33 -9.24 -24.17 -26.74
CA VAL G 33 -8.05 -23.55 -27.31
C VAL G 33 -8.40 -23.06 -28.75
N VAL G 34 -7.89 -21.88 -29.09
CA VAL G 34 -8.25 -21.18 -30.31
C VAL G 34 -7.02 -20.56 -31.01
N TYR G 35 -7.04 -20.55 -32.36
CA TYR G 35 -6.15 -19.78 -33.17
C TYR G 35 -6.50 -18.34 -33.20
N GLY G 36 -5.46 -17.54 -33.11
CA GLY G 36 -5.57 -16.10 -33.25
C GLY G 36 -5.03 -15.35 -32.03
N VAL G 37 -5.54 -14.11 -31.91
CA VAL G 37 -5.04 -13.18 -30.94
C VAL G 37 -5.18 -13.63 -29.46
N TYR G 38 -6.17 -14.48 -29.16
CA TYR G 38 -6.40 -15.08 -27.86
C TYR G 38 -6.14 -16.59 -27.97
N ASP G 39 -5.92 -17.21 -26.82
CA ASP G 39 -5.39 -18.59 -26.79
C ASP G 39 -6.45 -19.57 -26.29
N ILE G 40 -7.21 -19.15 -25.30
CA ILE G 40 -8.26 -19.93 -24.79
C ILE G 40 -9.48 -19.07 -24.52
N VAL G 41 -10.65 -19.64 -24.79
CA VAL G 41 -11.94 -19.07 -24.47
C VAL G 41 -12.62 -19.98 -23.47
N VAL G 42 -13.12 -19.41 -22.37
CA VAL G 42 -13.92 -20.20 -21.40
C VAL G 42 -15.19 -19.49 -21.22
N LYS G 43 -16.28 -20.27 -20.99
CA LYS G 43 -17.49 -19.69 -20.43
C LYS G 43 -17.52 -20.02 -18.94
N VAL G 44 -17.78 -18.98 -18.15
CA VAL G 44 -17.79 -19.06 -16.70
C VAL G 44 -19.20 -18.83 -16.14
N GLU G 45 -19.63 -19.67 -15.19
CA GLU G 45 -20.85 -19.39 -14.45
C GLU G 45 -20.51 -19.31 -12.99
N ALA G 46 -20.97 -18.28 -12.32
CA ALA G 46 -20.91 -18.26 -10.88
C ALA G 46 -22.26 -17.83 -10.27
N ASP G 47 -22.46 -18.14 -8.98
CA ASP G 47 -23.76 -17.90 -8.32
C ASP G 47 -23.94 -16.46 -7.94
N SER G 48 -22.83 -15.69 -7.99
CA SER G 48 -22.88 -14.24 -7.79
C SER G 48 -21.72 -13.46 -8.45
N MSE G 49 -21.90 -12.15 -8.56
CA MSE G 49 -20.83 -11.29 -9.02
C MSE G 49 -19.61 -11.36 -8.06
O MSE G 49 -18.46 -11.51 -8.53
CB MSE G 49 -21.36 -9.86 -9.25
CG MSE G 49 -22.39 -9.78 -10.40
SE MSE G 49 -21.49 -10.09 -12.10
CE MSE G 49 -20.40 -8.46 -12.22
N ASP G 50 -19.82 -11.38 -6.74
CA ASP G 50 -18.66 -11.55 -5.79
C ASP G 50 -17.95 -12.88 -6.03
N LYS G 51 -18.72 -13.93 -6.32
CA LYS G 51 -18.13 -15.24 -6.65
C LYS G 51 -17.41 -15.24 -8.06
N LEU G 52 -17.98 -14.52 -9.05
CA LEU G 52 -17.35 -14.40 -10.34
C LEU G 52 -15.96 -13.75 -10.17
N LYS G 53 -15.90 -12.68 -9.40
CA LYS G 53 -14.74 -11.88 -9.19
C LYS G 53 -13.63 -12.71 -8.53
N ASP G 54 -14.02 -13.47 -7.53
CA ASP G 54 -13.11 -14.25 -6.76
C ASP G 54 -12.53 -15.33 -7.64
N PHE G 55 -13.40 -16.02 -8.42
CA PHE G 55 -12.97 -16.98 -9.38
C PHE G 55 -12.00 -16.45 -10.43
N VAL G 56 -12.30 -15.31 -11.02
CA VAL G 56 -11.44 -14.76 -12.06
C VAL G 56 -10.05 -14.35 -11.49
N THR G 57 -10.06 -13.60 -10.43
CA THR G 57 -8.83 -13.05 -9.85
C THR G 57 -8.05 -14.13 -9.14
N ASN G 58 -8.69 -14.84 -8.23
CA ASN G 58 -7.97 -15.76 -7.36
C ASN G 58 -7.79 -17.18 -7.89
N THR G 59 -8.52 -17.56 -8.92
CA THR G 59 -8.25 -18.84 -9.59
C THR G 59 -7.65 -18.71 -10.95
N ILE G 60 -8.46 -18.26 -11.93
CA ILE G 60 -8.01 -18.17 -13.29
C ILE G 60 -6.69 -17.36 -13.44
N ARG G 61 -6.68 -16.13 -12.90
CA ARG G 61 -5.54 -15.24 -13.02
C ARG G 61 -4.35 -15.59 -12.14
N LYS G 62 -4.48 -16.60 -11.28
CA LYS G 62 -3.34 -17.16 -10.56
C LYS G 62 -2.89 -18.52 -11.05
N LEU G 63 -3.51 -19.04 -12.11
CA LEU G 63 -3.03 -20.30 -12.68
C LEU G 63 -1.66 -20.17 -13.30
N PRO G 64 -0.83 -21.21 -13.18
CA PRO G 64 0.47 -21.25 -13.84
C PRO G 64 0.26 -20.98 -15.28
N LYS G 65 1.10 -20.10 -15.82
CA LYS G 65 1.18 -19.77 -17.24
C LYS G 65 -0.01 -18.98 -17.83
N VAL G 66 -0.90 -18.47 -17.01
CA VAL G 66 -1.87 -17.50 -17.53
C VAL G 66 -1.19 -16.15 -17.54
N ARG G 67 -1.13 -15.49 -18.70
CA ARG G 67 -0.58 -14.13 -18.82
C ARG G 67 -1.61 -13.00 -18.65
N SER G 68 -2.73 -13.13 -19.32
CA SER G 68 -3.74 -12.09 -19.31
C SER G 68 -5.08 -12.70 -19.47
N THR G 69 -6.12 -11.99 -19.02
CA THR G 69 -7.48 -12.43 -19.22
C THR G 69 -8.32 -11.21 -19.50
N LEU G 70 -9.36 -11.41 -20.33
CA LEU G 70 -10.28 -10.38 -20.71
C LEU G 70 -11.67 -10.93 -20.47
N THR G 71 -12.37 -10.42 -19.44
CA THR G 71 -13.64 -11.00 -19.00
C THR G 71 -14.73 -10.20 -19.65
N MSE G 72 -15.60 -10.89 -20.39
CA MSE G 72 -16.72 -10.27 -21.01
C MSE G 72 -18.00 -10.66 -20.26
O MSE G 72 -18.50 -11.77 -20.41
CB MSE G 72 -16.82 -10.68 -22.48
CG MSE G 72 -15.63 -10.31 -23.29
SE MSE G 72 -15.79 -10.71 -25.21
CE MSE G 72 -15.50 -12.78 -25.14
N ILE G 73 -18.57 -9.74 -19.52
CA ILE G 73 -19.77 -9.97 -18.77
C ILE G 73 -20.88 -10.06 -19.83
N ILE G 74 -21.59 -11.15 -19.80
CA ILE G 74 -22.77 -11.40 -20.64
C ILE G 74 -23.96 -10.62 -20.14
N VAL G 75 -24.59 -9.94 -21.06
CA VAL G 75 -25.84 -9.24 -20.83
C VAL G 75 -27.02 -10.18 -20.56
N GLU G 76 -27.54 -10.16 -19.33
CA GLU G 76 -28.72 -10.98 -18.98
C GLU G 76 -29.90 -10.56 -19.88
N GLY G 77 -30.56 -11.52 -20.50
CA GLY G 77 -31.66 -11.22 -21.41
C GLY G 77 -31.23 -11.09 -22.87
N LYS G 78 -29.92 -11.23 -23.12
CA LYS G 78 -29.38 -11.23 -24.47
C LYS G 78 -28.33 -12.33 -24.52
N SER G 79 -28.75 -13.54 -24.13
CA SER G 79 -27.89 -14.69 -23.99
C SER G 79 -28.68 -15.93 -24.30
N LEU G 80 -28.26 -16.65 -25.28
CA LEU G 80 -28.91 -17.89 -25.68
C LEU G 80 -27.90 -18.96 -25.89
N VAL G 81 -28.08 -20.11 -25.22
CA VAL G 81 -27.33 -21.35 -25.50
C VAL G 81 -28.40 -22.37 -25.99
N LYS G 82 -28.10 -23.04 -27.10
CA LYS G 82 -28.96 -24.08 -27.69
C LYS G 82 -28.52 -25.46 -27.31
N ALA H 2 -26.05 -0.74 -10.46
CA ALA H 2 -24.97 -1.17 -11.41
C ALA H 2 -24.12 0.03 -11.77
N SER H 3 -22.82 -0.21 -11.98
CA SER H 3 -21.85 0.84 -12.11
C SER H 3 -20.83 0.43 -13.15
N ALA H 4 -20.53 1.32 -14.06
CA ALA H 4 -19.60 1.11 -15.14
C ALA H 4 -18.81 2.37 -15.53
N ILE H 5 -17.59 2.21 -16.00
CA ILE H 5 -16.88 3.27 -16.70
C ILE H 5 -16.95 2.96 -18.19
N VAL H 6 -17.32 3.94 -19.00
CA VAL H 6 -17.44 3.70 -20.46
C VAL H 6 -16.47 4.55 -21.19
N LEU H 7 -15.69 3.93 -22.07
CA LEU H 7 -14.68 4.60 -22.83
C LEU H 7 -15.28 4.75 -24.20
N ILE H 8 -15.37 5.98 -24.65
CA ILE H 8 -16.06 6.31 -25.88
C ILE H 8 -15.11 6.84 -26.93
N ASN H 9 -15.25 6.33 -28.14
CA ASN H 9 -14.68 6.97 -29.32
C ASN H 9 -15.77 7.64 -30.16
N THR H 10 -15.57 8.89 -30.55
CA THR H 10 -16.48 9.60 -31.47
C THR H 10 -15.94 9.65 -32.88
N ASP H 11 -16.82 10.00 -33.83
CA ASP H 11 -16.34 10.42 -35.15
C ASP H 11 -15.39 11.51 -34.89
N ALA H 12 -14.41 11.65 -35.78
CA ALA H 12 -13.37 12.61 -35.54
C ALA H 12 -14.04 13.97 -35.55
N GLY H 13 -13.72 14.79 -34.55
CA GLY H 13 -14.28 16.14 -34.42
C GLY H 13 -15.64 16.28 -33.80
N GLY H 14 -16.20 15.18 -33.30
CA GLY H 14 -17.52 15.15 -32.69
C GLY H 14 -17.49 15.15 -31.19
N GLU H 15 -16.29 15.12 -30.58
CA GLU H 15 -16.18 14.88 -29.13
C GLU H 15 -16.80 15.98 -28.25
N ASP H 16 -16.68 17.25 -28.63
CA ASP H 16 -17.25 18.32 -27.76
C ASP H 16 -18.79 18.20 -27.76
N GLU H 17 -19.37 17.93 -28.92
CA GLU H 17 -20.82 17.75 -29.07
C GLU H 17 -21.35 16.58 -28.28
N VAL H 18 -20.67 15.43 -28.37
CA VAL H 18 -21.11 14.25 -27.63
C VAL H 18 -21.03 14.55 -26.13
N PHE H 19 -19.94 15.21 -25.74
CA PHE H 19 -19.70 15.53 -24.34
C PHE H 19 -20.84 16.37 -23.81
N GLU H 20 -21.28 17.37 -24.58
CA GLU H 20 -22.40 18.23 -24.11
C GLU H 20 -23.72 17.43 -23.93
N ARG H 21 -24.03 16.48 -24.83
CA ARG H 21 -25.19 15.60 -24.70
C ARG H 21 -25.15 14.72 -23.45
N LEU H 22 -23.99 14.15 -23.21
CA LEU H 22 -23.80 13.23 -22.07
C LEU H 22 -24.00 13.94 -20.73
N LYS H 23 -23.51 15.19 -20.64
CA LYS H 23 -23.41 15.86 -19.36
C LYS H 23 -24.83 16.14 -18.79
N SER H 24 -25.85 16.14 -19.64
CA SER H 24 -27.23 16.34 -19.17
C SER H 24 -27.97 15.04 -18.75
N MSE H 25 -27.35 13.87 -18.94
CA MSE H 25 -28.03 12.64 -18.58
C MSE H 25 -27.79 12.24 -17.10
O MSE H 25 -26.65 12.32 -16.60
CB MSE H 25 -27.56 11.52 -19.52
CG MSE H 25 -28.20 11.60 -20.97
SE MSE H 25 -26.89 10.70 -22.07
CE MSE H 25 -27.78 11.42 -23.77
N SER H 26 -28.86 11.82 -16.44
CA SER H 26 -28.86 11.46 -15.03
C SER H 26 -27.92 10.34 -14.66
N GLU H 27 -27.86 9.35 -15.53
CA GLU H 27 -27.12 8.13 -15.29
C GLU H 27 -25.61 8.40 -15.40
N VAL H 28 -25.29 9.53 -16.01
CA VAL H 28 -23.89 9.95 -16.18
C VAL H 28 -23.46 10.81 -14.98
N THR H 29 -22.66 10.25 -14.07
CA THR H 29 -22.20 11.02 -12.92
C THR H 29 -20.94 11.83 -13.16
N GLU H 30 -20.17 11.45 -14.18
CA GLU H 30 -18.92 12.07 -14.49
C GLU H 30 -18.71 11.94 -15.99
N VAL H 31 -18.13 12.97 -16.60
CA VAL H 31 -17.78 12.91 -18.02
C VAL H 31 -16.60 13.81 -18.31
N HIS H 32 -15.68 13.32 -19.12
CA HIS H 32 -14.45 13.98 -19.41
C HIS H 32 -13.99 13.74 -20.85
N VAL H 33 -13.43 14.76 -21.49
CA VAL H 33 -12.86 14.52 -22.81
C VAL H 33 -11.38 14.30 -22.48
N VAL H 34 -10.76 13.39 -23.21
CA VAL H 34 -9.38 13.00 -22.93
C VAL H 34 -8.52 12.90 -24.15
N TYR H 35 -7.24 13.06 -23.90
CA TYR H 35 -6.22 12.82 -24.88
C TYR H 35 -5.84 11.34 -24.87
N GLY H 36 -5.85 10.72 -26.03
CA GLY H 36 -5.36 9.35 -26.12
C GLY H 36 -6.20 8.54 -27.03
N VAL H 37 -6.03 7.22 -26.88
CA VAL H 37 -6.70 6.25 -27.71
C VAL H 37 -8.22 6.31 -27.57
N TYR H 38 -8.74 6.90 -26.49
CA TYR H 38 -10.19 7.09 -26.30
C TYR H 38 -10.43 8.55 -26.32
N ASP H 39 -11.68 8.95 -26.53
CA ASP H 39 -12.05 10.37 -26.65
C ASP H 39 -12.81 10.95 -25.46
N ILE H 40 -13.76 10.17 -24.95
CA ILE H 40 -14.55 10.51 -23.77
C ILE H 40 -14.51 9.34 -22.73
N VAL H 41 -14.41 9.70 -21.45
CA VAL H 41 -14.60 8.78 -20.34
C VAL H 41 -15.80 9.23 -19.55
N VAL H 42 -16.75 8.30 -19.33
CA VAL H 42 -17.95 8.56 -18.51
C VAL H 42 -18.09 7.49 -17.44
N LYS H 43 -18.59 7.89 -16.27
CA LYS H 43 -19.00 6.94 -15.24
C LYS H 43 -20.54 6.92 -15.26
N VAL H 44 -21.09 5.73 -15.28
CA VAL H 44 -22.50 5.54 -15.41
C VAL H 44 -22.97 4.82 -14.14
N GLU H 45 -24.13 5.22 -13.64
CA GLU H 45 -24.75 4.56 -12.50
C GLU H 45 -26.13 4.31 -12.97
N ALA H 46 -26.54 3.08 -12.81
CA ALA H 46 -27.93 2.74 -13.00
C ALA H 46 -28.39 1.83 -11.90
N ASP H 47 -29.70 1.84 -11.67
CA ASP H 47 -30.30 1.08 -10.59
C ASP H 47 -30.35 -0.43 -10.82
N SER H 48 -30.12 -0.90 -12.04
CA SER H 48 -29.99 -2.35 -12.24
C SER H 48 -29.16 -2.64 -13.50
N MSE H 49 -28.80 -3.91 -13.67
CA MSE H 49 -28.08 -4.31 -14.86
C MSE H 49 -28.96 -4.11 -16.10
O MSE H 49 -28.50 -3.61 -17.12
CB MSE H 49 -27.55 -5.74 -14.73
CG MSE H 49 -26.37 -5.83 -13.74
SE MSE H 49 -24.82 -4.85 -14.27
CE MSE H 49 -24.23 -6.17 -15.68
N ASP H 50 -30.24 -4.40 -15.98
CA ASP H 50 -31.14 -4.26 -17.13
C ASP H 50 -31.14 -2.81 -17.55
N LYS H 51 -31.07 -1.93 -16.58
CA LYS H 51 -31.14 -0.49 -16.84
C LYS H 51 -29.81 0.07 -17.38
N LEU H 52 -28.67 -0.45 -16.95
CA LEU H 52 -27.34 -0.15 -17.52
C LEU H 52 -27.34 -0.52 -19.01
N LYS H 53 -27.72 -1.75 -19.33
CA LYS H 53 -27.79 -2.24 -20.73
C LYS H 53 -28.67 -1.36 -21.60
N ASP H 54 -29.83 -0.96 -21.08
CA ASP H 54 -30.78 -0.16 -21.86
C ASP H 54 -30.14 1.18 -22.07
N PHE H 55 -29.49 1.71 -21.04
CA PHE H 55 -28.85 3.00 -21.14
C PHE H 55 -27.67 2.97 -22.13
N VAL H 56 -26.82 1.95 -22.04
CA VAL H 56 -25.66 1.90 -22.91
C VAL H 56 -26.09 1.78 -24.37
N THR H 57 -27.02 0.88 -24.65
CA THR H 57 -27.40 0.55 -26.02
C THR H 57 -28.30 1.59 -26.64
N ASN H 58 -29.34 1.98 -25.90
CA ASN H 58 -30.41 2.78 -26.47
C ASN H 58 -30.23 4.28 -26.25
N THR H 59 -29.27 4.68 -25.40
CA THR H 59 -28.93 6.09 -25.25
C THR H 59 -27.55 6.42 -25.75
N ILE H 60 -26.52 5.96 -25.04
CA ILE H 60 -25.18 6.36 -25.41
C ILE H 60 -24.83 5.92 -26.82
N ARG H 61 -25.03 4.64 -27.14
CA ARG H 61 -24.67 4.07 -28.45
C ARG H 61 -25.62 4.48 -29.59
N LYS H 62 -26.64 5.24 -29.27
CA LYS H 62 -27.48 5.87 -30.31
C LYS H 62 -27.25 7.40 -30.42
N LEU H 63 -26.41 7.99 -29.59
CA LEU H 63 -26.11 9.41 -29.80
C LEU H 63 -25.46 9.65 -31.13
N PRO H 64 -25.82 10.74 -31.83
CA PRO H 64 -25.05 11.13 -33.00
C PRO H 64 -23.57 11.21 -32.67
N LYS H 65 -22.76 10.68 -33.57
CA LYS H 65 -21.27 10.85 -33.61
C LYS H 65 -20.50 9.99 -32.60
N VAL H 66 -21.24 9.16 -31.88
CA VAL H 66 -20.66 8.00 -31.17
C VAL H 66 -20.34 6.87 -32.10
N ARG H 67 -19.05 6.56 -32.20
CA ARG H 67 -18.56 5.53 -33.07
C ARG H 67 -18.43 4.21 -32.30
N SER H 68 -17.74 4.23 -31.15
CA SER H 68 -17.48 2.97 -30.37
C SER H 68 -17.62 3.28 -28.89
N THR H 69 -18.05 2.29 -28.10
CA THR H 69 -18.12 2.32 -26.63
C THR H 69 -17.54 1.01 -26.07
N LEU H 70 -16.81 1.14 -24.97
CA LEU H 70 -16.16 0.04 -24.26
C LEU H 70 -16.56 0.18 -22.82
N THR H 71 -17.58 -0.59 -22.43
CA THR H 71 -18.18 -0.47 -21.13
C THR H 71 -17.41 -1.36 -20.20
N MSE H 72 -16.80 -0.75 -19.17
CA MSE H 72 -16.13 -1.51 -18.13
C MSE H 72 -16.98 -1.64 -16.86
O MSE H 72 -17.22 -0.64 -16.17
CB MSE H 72 -14.81 -0.82 -17.80
CG MSE H 72 -13.98 -0.62 -18.98
SE MSE H 72 -12.10 0.06 -18.62
CE MSE H 72 -12.49 1.96 -18.29
N ILE H 73 -17.43 -2.83 -16.55
CA ILE H 73 -18.28 -3.06 -15.39
C ILE H 73 -17.33 -2.98 -14.19
N ILE H 74 -17.73 -2.18 -13.21
CA ILE H 74 -16.93 -1.96 -12.02
C ILE H 74 -17.19 -3.12 -11.08
N VAL H 75 -16.11 -3.63 -10.51
CA VAL H 75 -16.22 -4.70 -9.52
C VAL H 75 -16.74 -4.16 -8.17
N GLU H 76 -17.91 -4.62 -7.77
CA GLU H 76 -18.50 -4.15 -6.51
C GLU H 76 -17.59 -4.70 -5.39
N GLY H 77 -17.28 -3.83 -4.44
CA GLY H 77 -16.43 -4.22 -3.36
C GLY H 77 -14.99 -3.89 -3.71
N LYS H 78 -14.72 -3.39 -4.92
CA LYS H 78 -13.41 -2.91 -5.27
C LYS H 78 -13.64 -1.61 -5.99
N SER H 79 -14.37 -0.70 -5.34
CA SER H 79 -14.68 0.58 -5.99
C SER H 79 -14.70 1.70 -4.95
N LEU H 80 -14.02 2.81 -5.23
CA LEU H 80 -13.95 3.89 -4.27
C LEU H 80 -14.03 5.22 -4.99
N VAL H 81 -14.98 6.06 -4.64
CA VAL H 81 -15.01 7.46 -5.01
C VAL H 81 -14.87 8.21 -3.70
N LYS H 82 -13.77 8.92 -3.51
CA LYS H 82 -13.60 9.68 -2.28
C LYS H 82 -14.61 10.87 -2.12
N ILE I . 1.25 7.37 19.19
CA ILE I . 1.46 8.79 18.81
C ILE I . 1.16 9.77 19.96
O ILE I . 0.66 9.25 21.01
CB ILE I . 0.58 9.15 17.63
CG1 ILE I . -0.89 9.25 18.01
CG2 ILE I . 0.66 8.05 16.61
CD1 ILE I . -1.76 9.55 16.84
OXT ILE I . 1.42 11.02 19.82
N ILE J . 14.90 17.40 27.82
CA ILE J . 16.30 17.78 27.42
C ILE J . 17.30 17.43 28.43
O ILE J . 16.87 17.11 29.57
CB ILE J . 16.40 19.25 26.99
CG1 ILE J . 16.36 20.24 28.18
CG2 ILE J . 15.40 19.56 25.97
CD1 ILE J . 16.66 21.69 27.77
OXT ILE J . 18.47 17.43 28.02
N ILE K . 26.63 2.48 25.99
CA ILE K . 27.09 1.70 24.82
C ILE K . 26.86 0.24 25.03
O ILE K . 26.65 -0.16 26.17
CB ILE K . 28.55 2.03 24.46
CG1 ILE K . 29.62 1.47 25.40
CG2 ILE K . 28.71 3.54 24.41
CD1 ILE K . 31.09 1.51 24.84
OXT ILE K . 26.88 -0.54 24.08
N ILE L . 12.87 -7.58 17.46
CA ILE L . 12.12 -7.27 16.26
C ILE L . 10.59 -7.40 16.58
O ILE L . 10.37 -7.95 17.65
CB ILE L . 12.50 -8.10 15.02
CG1 ILE L . 12.04 -9.57 15.09
CG2 ILE L . 14.03 -7.98 14.80
CD1 ILE L . 12.31 -10.38 13.90
OXT ILE L . 9.85 -6.98 15.69
N ILE M . 2.96 6.26 -21.10
CA ILE M . 2.79 6.06 -19.65
C ILE M . 1.36 6.34 -19.21
O ILE M . 0.60 6.85 -20.00
CB ILE M . 3.81 6.82 -18.85
CG1 ILE M . 3.53 8.36 -18.77
CG2 ILE M . 5.18 6.55 -19.43
CD1 ILE M . 4.57 9.13 -17.82
OXT ILE M . 0.97 6.04 -18.09
N ILE N . -11.18 -12.21 -40.87
CA ILE N . -12.64 -12.37 -40.82
C ILE N . -13.08 -13.16 -39.63
O ILE N . -12.19 -13.77 -39.02
CB ILE N . -13.18 -13.07 -42.11
CG1 ILE N . -12.77 -14.56 -42.14
CG2 ILE N . -12.75 -12.32 -43.33
CD1 ILE N . -13.48 -15.31 -43.33
OXT ILE N . -14.28 -13.11 -39.34
N ILE O . -19.83 -3.95 -25.97
CA ILE O . -20.50 -2.65 -25.90
C ILE O . -20.04 -1.78 -24.72
O ILE O . -19.26 -2.35 -23.96
CB ILE O . -22.07 -2.83 -25.83
CG1 ILE O . -22.51 -3.43 -24.51
CG2 ILE O . -22.56 -3.70 -27.05
CD1 ILE O . -24.03 -3.33 -24.22
OXT ILE O . -20.41 -0.58 -24.60
N ILE P . -9.69 -7.13 -16.14
CA ILE P . -9.58 -8.55 -15.80
C ILE P . -10.60 -9.43 -16.58
O ILE P . -11.51 -8.87 -17.17
CB ILE P . -9.73 -8.82 -14.30
CG1 ILE P . -11.21 -8.75 -13.87
CG2 ILE P . -8.85 -7.75 -13.49
CD1 ILE P . -11.43 -9.04 -12.42
OXT ILE P . -10.48 -10.66 -16.62
#